data_8RVJ
#
_entry.id   8RVJ
#
_cell.length_a   1.00
_cell.length_b   1.00
_cell.length_c   1.00
_cell.angle_alpha   90.00
_cell.angle_beta   90.00
_cell.angle_gamma   90.00
#
_symmetry.space_group_name_H-M   'P 1'
#
_entity_poly.entity_id   1
_entity_poly.type   'polypeptide(L)'
_entity_poly.pdbx_seq_one_letter_code
;MNKSQLYPDSPLTDQDFNQLDQTVIEAARRQLVGRRFIELYGPLGRGMQSVFNDIFMESHEGGGEIQQLEEEIAQLEQKN
AALKEKNQALKAGGGAKMDFQGSFDTEVESSRRVNYTIPMLYKDFVLYWRDLEQSKALDIPIDFSVAANAARDVAFLEDQ
MIFHGSKEFDIPGLMNVKGRLTHLIGNWYESGNAFQDIVEARNKLLEMNHNGPYALVLSPELYSLLHRVHKDTNVLEIEH
VRELITAGVFQSPVLKGKSGVIVNTGRNNLDLAISEDFETAYLGEEGMNHPFRVYETVVLRIKRPAAICTLIDPEEHHHH
HHHH
;
_entity_poly.pdbx_strand_id   A,B,C,D
#
# COMPACT_ATOMS: atom_id res chain seq x y z
N MET A 1 15.31 -34.78 -6.77
CA MET A 1 14.46 -34.83 -5.59
C MET A 1 13.95 -36.24 -5.33
N ASN A 2 14.66 -36.98 -4.47
CA ASN A 2 14.25 -38.33 -4.10
C ASN A 2 13.18 -38.25 -3.03
N LYS A 3 12.07 -38.98 -3.24
CA LYS A 3 10.95 -38.90 -2.33
C LYS A 3 11.15 -39.71 -1.07
N SER A 4 12.13 -40.62 -1.04
CA SER A 4 12.42 -41.35 0.19
C SER A 4 13.00 -40.43 1.25
N GLN A 5 13.95 -39.57 0.87
CA GLN A 5 14.52 -38.61 1.80
C GLN A 5 13.61 -37.41 2.05
N LEU A 6 12.63 -37.19 1.18
CA LEU A 6 11.68 -36.10 1.41
C LEU A 6 10.77 -36.43 2.58
N TYR A 7 10.40 -37.70 2.72
CA TYR A 7 9.65 -38.21 3.88
C TYR A 7 10.55 -39.21 4.58
N PRO A 8 11.40 -38.75 5.50
CA PRO A 8 12.34 -39.67 6.17
C PRO A 8 11.65 -40.78 6.94
N ASP A 9 10.46 -40.52 7.49
CA ASP A 9 9.74 -41.51 8.27
C ASP A 9 8.84 -42.39 7.43
N SER A 10 8.83 -42.22 6.11
CA SER A 10 7.97 -43.01 5.27
C SER A 10 8.37 -44.48 5.31
N PRO A 11 7.41 -45.40 5.38
CA PRO A 11 7.75 -46.83 5.38
C PRO A 11 8.22 -47.33 4.03
N LEU A 12 7.98 -46.59 2.95
CA LEU A 12 8.37 -47.03 1.62
C LEU A 12 9.77 -46.51 1.30
N THR A 13 10.56 -47.35 0.63
CA THR A 13 11.90 -46.98 0.20
C THR A 13 11.83 -46.39 -1.20
N ASP A 14 12.99 -46.20 -1.83
CA ASP A 14 13.02 -45.66 -3.19
C ASP A 14 12.28 -46.57 -4.16
N GLN A 15 12.57 -47.87 -4.12
CA GLN A 15 11.90 -48.80 -5.01
C GLN A 15 10.41 -48.92 -4.67
N ASP A 16 10.10 -48.96 -3.37
CA ASP A 16 8.71 -49.13 -2.96
C ASP A 16 7.88 -47.88 -3.30
N PHE A 17 8.52 -46.72 -3.35
CA PHE A 17 7.78 -45.50 -3.58
C PHE A 17 7.57 -45.23 -5.06
N ASN A 18 8.50 -45.68 -5.91
CA ASN A 18 8.33 -45.53 -7.35
C ASN A 18 7.16 -46.36 -7.85
N GLN A 19 7.01 -47.59 -7.35
CA GLN A 19 5.88 -48.42 -7.75
C GLN A 19 4.56 -47.80 -7.33
N LEU A 20 4.57 -47.03 -6.24
CA LEU A 20 3.38 -46.30 -5.84
C LEU A 20 3.02 -45.23 -6.87
N ASP A 21 4.02 -44.53 -7.39
CA ASP A 21 3.77 -43.53 -8.42
C ASP A 21 3.28 -44.19 -9.71
N GLN A 22 3.86 -45.33 -10.07
CA GLN A 22 3.43 -46.03 -11.28
C GLN A 22 1.98 -46.49 -11.15
N THR A 23 1.60 -47.01 -9.98
CA THR A 23 0.23 -47.43 -9.76
C THR A 23 -0.72 -46.24 -9.86
N VAL A 24 -0.33 -45.10 -9.29
CA VAL A 24 -1.19 -43.92 -9.31
C VAL A 24 -1.26 -43.34 -10.72
N ILE A 25 -0.12 -43.24 -11.40
CA ILE A 25 -0.10 -42.64 -12.73
C ILE A 25 -0.90 -43.48 -13.71
N GLU A 26 -0.69 -44.81 -13.70
CA GLU A 26 -1.38 -45.67 -14.65
C GLU A 26 -2.88 -45.69 -14.38
N ALA A 27 -3.28 -45.79 -13.12
CA ALA A 27 -4.70 -45.82 -12.79
C ALA A 27 -5.39 -44.52 -13.19
N ALA A 28 -4.71 -43.38 -12.98
CA ALA A 28 -5.27 -42.11 -13.43
C ALA A 28 -5.33 -42.03 -14.94
N ARG A 29 -4.30 -42.55 -15.62
CA ARG A 29 -4.25 -42.45 -17.08
C ARG A 29 -5.44 -43.15 -17.73
N ARG A 30 -5.86 -44.28 -17.17
CA ARG A 30 -6.96 -45.04 -17.74
C ARG A 30 -8.29 -44.31 -17.63
N GLN A 31 -8.41 -43.34 -16.72
CA GLN A 31 -9.68 -42.67 -16.46
C GLN A 31 -9.70 -41.21 -16.85
N LEU A 32 -8.58 -40.63 -17.27
CA LEU A 32 -8.56 -39.22 -17.63
C LEU A 32 -9.02 -39.04 -19.07
N VAL A 33 -10.22 -38.48 -19.23
CA VAL A 33 -10.79 -38.21 -20.54
C VAL A 33 -10.35 -36.85 -21.07
N GLY A 34 -10.27 -35.84 -20.20
CA GLY A 34 -9.87 -34.52 -20.63
C GLY A 34 -8.45 -34.48 -21.16
N ARG A 35 -7.55 -35.24 -20.55
CA ARG A 35 -6.16 -35.25 -20.98
C ARG A 35 -5.97 -35.90 -22.34
N ARG A 36 -6.99 -36.60 -22.86
CA ARG A 36 -6.86 -37.27 -24.15
C ARG A 36 -6.91 -36.28 -25.31
N PHE A 37 -7.47 -35.09 -25.10
CA PHE A 37 -7.58 -34.12 -26.19
C PHE A 37 -7.25 -32.70 -25.75
N ILE A 38 -6.77 -32.50 -24.52
CA ILE A 38 -6.39 -31.18 -24.02
C ILE A 38 -4.91 -31.24 -23.68
N GLU A 39 -4.13 -30.33 -24.26
CA GLU A 39 -2.70 -30.32 -24.02
C GLU A 39 -2.39 -29.74 -22.64
N LEU A 40 -1.20 -30.08 -22.14
CA LEU A 40 -0.75 -29.63 -20.83
C LEU A 40 0.15 -28.41 -20.96
N TYR A 41 0.02 -27.48 -20.02
CA TYR A 41 0.90 -26.32 -19.96
C TYR A 41 2.10 -26.60 -19.06
N GLY A 42 2.77 -27.72 -19.31
CA GLY A 42 4.00 -28.07 -18.63
C GLY A 42 3.87 -28.20 -17.12
N PRO A 43 4.98 -28.52 -16.47
CA PRO A 43 5.01 -28.48 -15.00
C PRO A 43 5.31 -27.09 -14.48
N LEU A 44 4.27 -26.27 -14.30
CA LEU A 44 4.48 -24.88 -13.87
C LEU A 44 5.23 -24.81 -12.54
N GLY A 45 5.15 -25.84 -11.72
CA GLY A 45 5.92 -25.92 -10.50
C GLY A 45 5.18 -25.33 -9.30
N ARG A 46 5.82 -25.49 -8.14
CA ARG A 46 5.23 -25.02 -6.89
C ARG A 46 5.26 -23.51 -6.75
N GLY A 47 6.03 -22.81 -7.57
CA GLY A 47 6.12 -21.37 -7.49
C GLY A 47 4.99 -20.60 -8.13
N MET A 48 4.02 -21.29 -8.71
CA MET A 48 2.89 -20.64 -9.38
C MET A 48 1.60 -21.18 -8.76
N GLN A 49 0.99 -20.40 -7.88
CA GLN A 49 -0.29 -20.75 -7.28
C GLN A 49 -1.47 -20.18 -8.05
N SER A 50 -1.23 -19.47 -9.14
CA SER A 50 -2.30 -18.94 -9.97
C SER A 50 -1.74 -18.68 -11.36
N VAL A 51 -2.55 -19.01 -12.38
CA VAL A 51 -2.14 -18.85 -13.76
C VAL A 51 -3.09 -17.91 -14.47
N PHE A 52 -2.56 -17.16 -15.43
CA PHE A 52 -3.34 -16.18 -16.16
C PHE A 52 -3.98 -16.81 -17.38
N ASN A 53 -5.13 -16.25 -17.78
CA ASN A 53 -5.86 -16.72 -18.94
C ASN A 53 -6.29 -15.53 -19.77
N ASP A 54 -6.07 -15.61 -21.09
CA ASP A 54 -6.44 -14.56 -22.02
C ASP A 54 -7.62 -15.04 -22.86
N ILE A 55 -8.82 -14.63 -22.49
CA ILE A 55 -10.03 -15.04 -23.17
C ILE A 55 -10.20 -14.19 -24.43
N PHE A 56 -10.36 -14.85 -25.56
CA PHE A 56 -10.66 -14.18 -26.83
C PHE A 56 -12.10 -14.50 -27.22
N MET A 57 -12.87 -13.45 -27.53
CA MET A 57 -14.27 -13.60 -27.90
C MET A 57 -14.44 -13.21 -29.36
N GLU A 58 -15.02 -14.12 -30.14
CA GLU A 58 -15.29 -13.87 -31.55
C GLU A 58 -16.76 -14.11 -31.88
N SER A 111 -9.86 -8.96 -25.95
CA SER A 111 -9.08 -10.01 -25.31
C SER A 111 -9.01 -9.80 -23.79
N ARG A 112 -10.09 -10.15 -23.11
CA ARG A 112 -10.12 -10.03 -21.66
C ARG A 112 -9.15 -11.01 -21.02
N ARG A 113 -8.44 -10.55 -20.00
CA ARG A 113 -7.51 -11.37 -19.23
C ARG A 113 -8.01 -11.54 -17.81
N VAL A 114 -8.00 -12.77 -17.32
CA VAL A 114 -8.49 -13.09 -15.98
C VAL A 114 -7.44 -13.90 -15.24
N ASN A 115 -7.59 -13.95 -13.93
CA ASN A 115 -6.69 -14.71 -13.05
C ASN A 115 -7.42 -15.93 -12.53
N TYR A 116 -6.78 -17.08 -12.64
CA TYR A 116 -7.33 -18.35 -12.18
C TYR A 116 -6.46 -18.91 -11.07
N THR A 117 -7.08 -19.26 -9.95
CA THR A 117 -6.38 -19.89 -8.85
C THR A 117 -6.33 -21.39 -9.08
N ILE A 118 -5.13 -21.94 -9.09
CA ILE A 118 -4.95 -23.37 -9.37
C ILE A 118 -5.46 -24.15 -8.17
N PRO A 119 -6.47 -25.00 -8.34
CA PRO A 119 -7.05 -25.71 -7.21
C PRO A 119 -6.36 -27.05 -6.93
N MET A 120 -6.58 -27.54 -5.72
CA MET A 120 -6.10 -28.85 -5.30
C MET A 120 -7.20 -29.87 -5.46
N LEU A 121 -6.86 -31.01 -6.07
CA LEU A 121 -7.74 -32.16 -6.16
C LEU A 121 -6.99 -33.36 -5.57
N TYR A 122 -7.55 -33.94 -4.51
CA TYR A 122 -6.83 -34.96 -3.77
C TYR A 122 -7.81 -35.99 -3.20
N LYS A 123 -7.27 -37.16 -2.92
CA LYS A 123 -7.99 -38.23 -2.25
C LYS A 123 -6.98 -39.03 -1.44
N ASP A 124 -7.40 -39.45 -0.24
CA ASP A 124 -6.49 -40.11 0.70
C ASP A 124 -6.76 -41.60 0.74
N PHE A 125 -5.68 -42.38 0.87
CA PHE A 125 -5.78 -43.81 1.08
C PHE A 125 -4.80 -44.21 2.19
N VAL A 126 -5.10 -45.34 2.83
CA VAL A 126 -4.35 -45.80 4.00
C VAL A 126 -3.73 -47.15 3.68
N LEU A 127 -2.41 -47.25 3.87
CA LEU A 127 -1.71 -48.52 3.77
C LEU A 127 -1.48 -49.05 5.17
N TYR A 128 -2.09 -50.20 5.48
CA TYR A 128 -2.02 -50.76 6.82
C TYR A 128 -0.59 -51.18 7.15
N TRP A 129 -0.18 -50.92 8.40
CA TRP A 129 1.18 -51.24 8.81
C TRP A 129 1.40 -52.75 8.86
N ARG A 130 0.37 -53.51 9.26
CA ARG A 130 0.51 -54.97 9.30
C ARG A 130 0.76 -55.53 7.90
N ASP A 131 0.03 -55.02 6.91
CA ASP A 131 0.26 -55.45 5.53
C ASP A 131 1.63 -54.99 5.04
N LEU A 132 2.03 -53.77 5.40
CA LEU A 132 3.34 -53.27 4.98
C LEU A 132 4.47 -54.05 5.64
N GLU A 133 4.37 -54.31 6.95
CA GLU A 133 5.42 -55.03 7.65
C GLU A 133 5.54 -56.47 7.12
N GLN A 134 4.41 -57.10 6.80
CA GLN A 134 4.46 -58.44 6.22
C GLN A 134 5.17 -58.44 4.88
N SER A 135 4.94 -57.40 4.07
CA SER A 135 5.54 -57.34 2.75
C SER A 135 7.07 -57.28 2.83
N LYS A 136 7.60 -56.47 3.74
CA LYS A 136 9.05 -56.39 3.88
C LYS A 136 9.63 -57.68 4.44
N ALA A 137 8.89 -58.35 5.34
CA ALA A 137 9.37 -59.60 5.90
C ALA A 137 9.50 -60.67 4.83
N LEU A 138 8.52 -60.77 3.94
CA LEU A 138 8.54 -61.76 2.87
C LEU A 138 9.21 -61.25 1.60
N ASP A 139 9.57 -59.96 1.55
CA ASP A 139 10.20 -59.35 0.38
C ASP A 139 9.30 -59.50 -0.86
N ILE A 140 8.12 -58.90 -0.78
CA ILE A 140 7.17 -58.89 -1.89
C ILE A 140 6.84 -57.43 -2.20
N PRO A 141 6.38 -57.10 -3.42
CA PRO A 141 6.40 -55.70 -3.87
C PRO A 141 5.27 -54.82 -3.35
N ILE A 142 4.54 -55.26 -2.32
CA ILE A 142 3.53 -54.46 -1.62
C ILE A 142 2.30 -54.26 -2.50
N ASP A 143 1.12 -54.32 -1.87
CA ASP A 143 -0.13 -54.15 -2.59
C ASP A 143 -0.55 -52.68 -2.56
N PHE A 144 -0.76 -52.11 -3.75
CA PHE A 144 -1.20 -50.73 -3.90
C PHE A 144 -2.58 -50.65 -4.53
N SER A 145 -3.45 -51.61 -4.21
CA SER A 145 -4.79 -51.62 -4.80
C SER A 145 -5.58 -50.39 -4.41
N VAL A 146 -5.48 -49.97 -3.14
CA VAL A 146 -6.20 -48.78 -2.69
C VAL A 146 -5.66 -47.54 -3.38
N ALA A 147 -4.36 -47.51 -3.64
CA ALA A 147 -3.77 -46.35 -4.31
C ALA A 147 -4.37 -46.15 -5.70
N ALA A 148 -4.63 -47.24 -6.41
CA ALA A 148 -5.28 -47.14 -7.71
C ALA A 148 -6.68 -46.56 -7.58
N ASN A 149 -7.41 -46.97 -6.53
CA ASN A 149 -8.74 -46.43 -6.31
C ASN A 149 -8.70 -44.94 -5.99
N ALA A 150 -7.73 -44.53 -5.17
CA ALA A 150 -7.60 -43.12 -4.84
C ALA A 150 -7.23 -42.30 -6.06
N ALA A 151 -6.32 -42.82 -6.89
CA ALA A 151 -5.93 -42.11 -8.10
C ALA A 151 -7.10 -42.00 -9.07
N ARG A 152 -7.94 -43.04 -9.13
CA ARG A 152 -9.10 -43.00 -10.01
C ARG A 152 -10.08 -41.91 -9.57
N ASP A 153 -10.27 -41.76 -8.25
CA ASP A 153 -11.19 -40.75 -7.75
C ASP A 153 -10.68 -39.35 -8.03
N VAL A 154 -9.37 -39.14 -7.90
CA VAL A 154 -8.79 -37.84 -8.27
C VAL A 154 -8.93 -37.60 -9.76
N ALA A 155 -8.72 -38.64 -10.58
CA ALA A 155 -8.88 -38.51 -12.01
C ALA A 155 -10.32 -38.16 -12.37
N PHE A 156 -11.28 -38.75 -11.68
CA PHE A 156 -12.68 -38.37 -11.85
C PHE A 156 -12.91 -36.93 -11.41
N LEU A 157 -12.21 -36.50 -10.37
CA LEU A 157 -12.34 -35.12 -9.91
C LEU A 157 -11.84 -34.13 -10.95
N GLU A 158 -10.72 -34.44 -11.60
CA GLU A 158 -10.20 -33.56 -12.63
C GLU A 158 -11.16 -33.46 -13.81
N ASP A 159 -11.72 -34.60 -14.23
CA ASP A 159 -12.65 -34.59 -15.35
C ASP A 159 -13.92 -33.82 -15.00
N GLN A 160 -14.39 -33.93 -13.77
CA GLN A 160 -15.53 -33.14 -13.34
C GLN A 160 -15.19 -31.66 -13.32
N MET A 161 -13.97 -31.32 -12.91
CA MET A 161 -13.56 -29.92 -12.91
C MET A 161 -13.31 -29.40 -14.31
N ILE A 162 -12.86 -30.26 -15.23
CA ILE A 162 -12.61 -29.83 -16.59
C ILE A 162 -13.91 -29.54 -17.32
N PHE A 163 -14.91 -30.41 -17.16
CA PHE A 163 -16.15 -30.29 -17.91
C PHE A 163 -17.18 -29.38 -17.24
N HIS A 164 -17.18 -29.28 -15.91
CA HIS A 164 -18.16 -28.48 -15.21
C HIS A 164 -17.56 -27.34 -14.41
N GLY A 165 -16.25 -27.26 -14.27
CA GLY A 165 -15.61 -26.12 -13.66
C GLY A 165 -15.66 -26.16 -12.14
N SER A 166 -14.83 -25.31 -11.54
CA SER A 166 -14.75 -25.18 -10.09
C SER A 166 -15.71 -24.07 -9.65
N LYS A 167 -16.83 -24.46 -9.05
CA LYS A 167 -17.82 -23.46 -8.63
C LYS A 167 -17.25 -22.54 -7.56
N GLU A 168 -16.53 -23.10 -6.59
CA GLU A 168 -16.03 -22.29 -5.48
C GLU A 168 -14.84 -21.42 -5.91
N PHE A 169 -13.97 -21.96 -6.77
CA PHE A 169 -12.82 -21.19 -7.25
C PHE A 169 -13.15 -20.30 -8.45
N ASP A 170 -14.39 -20.33 -8.93
CA ASP A 170 -14.84 -19.49 -10.04
C ASP A 170 -14.01 -19.73 -11.30
N ILE A 171 -13.98 -20.98 -11.74
CA ILE A 171 -13.28 -21.40 -12.94
C ILE A 171 -14.29 -22.03 -13.89
N PRO A 172 -14.53 -21.47 -15.07
CA PRO A 172 -15.51 -22.07 -15.98
C PRO A 172 -15.03 -23.40 -16.52
N GLY A 173 -16.00 -24.28 -16.79
CA GLY A 173 -15.73 -25.57 -17.39
C GLY A 173 -16.05 -25.57 -18.88
N LEU A 174 -15.86 -26.73 -19.50
CA LEU A 174 -16.15 -26.88 -20.91
C LEU A 174 -17.64 -26.70 -21.19
N MET A 175 -18.49 -27.22 -20.31
CA MET A 175 -19.93 -27.22 -20.54
C MET A 175 -20.63 -25.97 -20.03
N ASN A 176 -19.92 -25.07 -19.34
CA ASN A 176 -20.56 -23.86 -18.84
C ASN A 176 -19.71 -22.61 -19.03
N VAL A 177 -18.72 -22.64 -19.93
CA VAL A 177 -17.91 -21.46 -20.17
C VAL A 177 -18.78 -20.39 -20.84
N LYS A 178 -18.38 -19.13 -20.66
CA LYS A 178 -19.12 -18.01 -21.22
C LYS A 178 -18.64 -17.71 -22.63
N GLY A 179 -19.57 -17.65 -23.58
CA GLY A 179 -19.25 -17.34 -24.96
C GLY A 179 -19.10 -18.52 -25.88
N ARG A 180 -19.48 -19.71 -25.46
CA ARG A 180 -19.37 -20.88 -26.32
C ARG A 180 -20.65 -21.07 -27.12
N LEU A 181 -20.53 -21.77 -28.24
CA LEU A 181 -21.68 -22.10 -29.06
C LEU A 181 -22.51 -23.19 -28.41
N THR A 182 -23.80 -23.20 -28.72
CA THR A 182 -24.73 -24.18 -28.17
C THR A 182 -25.58 -24.76 -29.27
N HIS A 183 -25.72 -26.09 -29.28
CA HIS A 183 -26.54 -26.79 -30.25
C HIS A 183 -27.52 -27.69 -29.53
N LEU A 184 -28.76 -27.72 -30.01
CA LEU A 184 -29.82 -28.54 -29.44
C LEU A 184 -29.94 -29.82 -30.26
N ILE A 185 -29.72 -30.96 -29.61
CA ILE A 185 -29.76 -32.23 -30.32
C ILE A 185 -31.21 -32.65 -30.55
N GLY A 186 -31.39 -33.56 -31.50
CA GLY A 186 -32.67 -34.18 -31.78
C GLY A 186 -32.82 -35.50 -31.06
N ASN A 187 -33.60 -36.39 -31.66
CA ASN A 187 -33.80 -37.73 -31.13
C ASN A 187 -32.70 -38.63 -31.67
N TRP A 188 -31.63 -38.77 -30.89
CA TRP A 188 -30.51 -39.61 -31.30
C TRP A 188 -30.88 -41.09 -31.39
N TYR A 189 -32.02 -41.48 -30.82
CA TYR A 189 -32.48 -42.86 -30.94
C TYR A 189 -32.83 -43.22 -32.37
N GLU A 190 -33.05 -42.24 -33.24
CA GLU A 190 -33.36 -42.48 -34.64
C GLU A 190 -32.09 -42.48 -35.48
N SER A 191 -32.13 -43.22 -36.57
CA SER A 191 -30.97 -43.31 -37.46
C SER A 191 -30.73 -41.98 -38.17
N GLY A 192 -29.45 -41.61 -38.27
CA GLY A 192 -29.05 -40.41 -38.97
C GLY A 192 -29.12 -39.13 -38.17
N ASN A 193 -29.98 -39.07 -37.15
CA ASN A 193 -30.12 -37.85 -36.36
C ASN A 193 -28.83 -37.51 -35.62
N ALA A 194 -28.17 -38.53 -35.06
CA ALA A 194 -26.95 -38.27 -34.29
C ALA A 194 -25.85 -37.69 -35.19
N PHE A 195 -25.68 -38.27 -36.38
CA PHE A 195 -24.71 -37.72 -37.32
C PHE A 195 -25.13 -36.33 -37.79
N GLN A 196 -26.42 -36.13 -38.03
CA GLN A 196 -26.91 -34.83 -38.48
C GLN A 196 -26.67 -33.76 -37.43
N ASP A 197 -26.88 -34.08 -36.15
CA ASP A 197 -26.64 -33.11 -35.09
C ASP A 197 -25.16 -32.77 -34.97
N ILE A 198 -24.29 -33.75 -35.15
CA ILE A 198 -22.85 -33.47 -35.11
C ILE A 198 -22.45 -32.56 -36.26
N VAL A 199 -22.98 -32.82 -37.46
CA VAL A 199 -22.66 -31.98 -38.61
C VAL A 199 -23.11 -30.55 -38.37
N GLU A 200 -24.34 -30.38 -37.88
CA GLU A 200 -24.83 -29.03 -37.60
C GLU A 200 -24.01 -28.35 -36.51
N ALA A 201 -23.64 -29.11 -35.47
CA ALA A 201 -22.77 -28.57 -34.44
C ALA A 201 -21.40 -28.23 -35.01
N ARG A 202 -20.87 -29.10 -35.88
CA ARG A 202 -19.59 -28.83 -36.52
C ARG A 202 -19.70 -27.63 -37.46
N ASN A 203 -20.84 -27.49 -38.14
CA ASN A 203 -21.04 -26.33 -39.01
C ASN A 203 -21.03 -25.04 -38.22
N LYS A 204 -21.59 -25.05 -37.01
CA LYS A 204 -21.53 -23.88 -36.15
C LYS A 204 -20.09 -23.55 -35.79
N LEU A 205 -19.28 -24.57 -35.53
CA LEU A 205 -17.86 -24.34 -35.25
C LEU A 205 -17.14 -23.84 -36.49
N LEU A 206 -17.54 -24.32 -37.67
CA LEU A 206 -16.88 -23.90 -38.91
C LEU A 206 -17.10 -22.41 -39.18
N GLU A 207 -18.29 -21.90 -38.85
CA GLU A 207 -18.56 -20.48 -39.09
C GLU A 207 -18.07 -19.70 -37.87
N MET A 208 -16.84 -19.98 -37.46
CA MET A 208 -16.16 -19.20 -36.45
C MET A 208 -14.66 -19.11 -36.74
N ASN A 209 -14.23 -19.49 -37.94
CA ASN A 209 -12.83 -19.72 -38.27
C ASN A 209 -12.23 -20.72 -37.29
N HIS A 210 -12.84 -21.90 -37.28
CA HIS A 210 -12.40 -23.03 -36.47
C HIS A 210 -12.52 -24.28 -37.34
N ASN A 211 -11.45 -24.59 -38.06
CA ASN A 211 -11.46 -25.65 -39.06
C ASN A 211 -11.07 -27.01 -38.49
N GLY A 212 -10.84 -27.10 -37.18
CA GLY A 212 -10.50 -28.36 -36.56
C GLY A 212 -9.02 -28.48 -36.26
N PRO A 213 -8.58 -29.67 -35.87
CA PRO A 213 -9.36 -30.91 -35.70
C PRO A 213 -10.22 -30.87 -34.44
N TYR A 214 -11.38 -31.53 -34.46
CA TYR A 214 -12.34 -31.47 -33.37
C TYR A 214 -12.25 -32.72 -32.51
N ALA A 215 -12.70 -32.59 -31.26
CA ALA A 215 -12.83 -33.71 -30.35
C ALA A 215 -14.22 -33.67 -29.74
N LEU A 216 -14.92 -34.80 -29.79
CA LEU A 216 -16.29 -34.89 -29.30
C LEU A 216 -16.33 -35.78 -28.07
N VAL A 217 -16.87 -35.26 -26.98
CA VAL A 217 -17.05 -36.00 -25.74
C VAL A 217 -18.53 -36.08 -25.43
N LEU A 218 -19.02 -37.28 -25.18
CA LEU A 218 -20.44 -37.52 -24.98
C LEU A 218 -20.67 -38.21 -23.64
N SER A 219 -21.88 -38.04 -23.12
CA SER A 219 -22.29 -38.76 -21.93
C SER A 219 -22.45 -40.24 -22.26
N PRO A 220 -22.35 -41.11 -21.24
CA PRO A 220 -22.50 -42.55 -21.51
C PRO A 220 -23.82 -42.90 -22.16
N GLU A 221 -24.90 -42.17 -21.86
CA GLU A 221 -26.19 -42.46 -22.49
C GLU A 221 -26.17 -42.07 -23.96
N LEU A 222 -25.56 -40.93 -24.29
CA LEU A 222 -25.43 -40.55 -25.69
C LEU A 222 -24.42 -41.43 -26.41
N TYR A 223 -23.37 -41.84 -25.72
CA TYR A 223 -22.37 -42.72 -26.33
C TYR A 223 -22.98 -44.06 -26.72
N SER A 224 -23.83 -44.62 -25.86
CA SER A 224 -24.50 -45.87 -26.19
C SER A 224 -25.44 -45.70 -27.39
N LEU A 225 -26.15 -44.58 -27.44
CA LEU A 225 -27.07 -44.34 -28.55
C LEU A 225 -26.32 -44.23 -29.87
N LEU A 226 -25.10 -43.69 -29.84
CA LEU A 226 -24.30 -43.58 -31.05
C LEU A 226 -23.91 -44.95 -31.57
N HIS A 227 -23.59 -45.89 -30.68
CA HIS A 227 -23.16 -47.23 -31.05
C HIS A 227 -24.30 -48.24 -31.10
N ARG A 228 -25.53 -47.80 -30.89
CA ARG A 228 -26.64 -48.75 -30.81
C ARG A 228 -26.91 -49.39 -32.17
N VAL A 229 -27.57 -50.53 -32.13
CA VAL A 229 -27.92 -51.30 -33.33
C VAL A 229 -29.34 -50.94 -33.72
N HIS A 230 -29.52 -50.36 -34.90
CA HIS A 230 -30.82 -49.92 -35.35
C HIS A 230 -31.61 -51.09 -35.92
N LYS A 231 -32.93 -50.90 -36.01
CA LYS A 231 -33.81 -51.98 -36.46
C LYS A 231 -33.85 -52.06 -37.99
N ASP A 232 -34.29 -50.98 -38.64
CA ASP A 232 -34.47 -51.01 -40.09
C ASP A 232 -33.13 -51.17 -40.81
N THR A 233 -32.10 -50.47 -40.35
CA THR A 233 -30.80 -50.48 -40.99
C THR A 233 -29.77 -51.17 -40.09
N ASN A 234 -28.52 -51.18 -40.56
CA ASN A 234 -27.40 -51.76 -39.83
C ASN A 234 -26.21 -50.81 -39.85
N VAL A 235 -26.49 -49.53 -39.59
CA VAL A 235 -25.47 -48.50 -39.67
C VAL A 235 -24.79 -48.33 -38.33
N LEU A 236 -23.46 -48.36 -38.33
CA LEU A 236 -22.67 -48.04 -37.15
C LEU A 236 -22.35 -46.55 -37.19
N GLU A 237 -23.14 -45.77 -36.46
CA GLU A 237 -23.08 -44.31 -36.59
C GLU A 237 -21.78 -43.73 -36.09
N ILE A 238 -21.02 -44.46 -35.26
CA ILE A 238 -19.72 -43.96 -34.84
C ILE A 238 -18.75 -43.92 -36.02
N GLU A 239 -18.90 -44.84 -36.98
CA GLU A 239 -18.01 -44.86 -38.13
C GLU A 239 -18.18 -43.61 -38.99
N HIS A 240 -19.41 -43.17 -39.19
CA HIS A 240 -19.64 -41.93 -39.92
C HIS A 240 -19.15 -40.72 -39.12
N VAL A 241 -19.38 -40.73 -37.81
CA VAL A 241 -19.02 -39.59 -36.97
C VAL A 241 -17.51 -39.47 -36.84
N ARG A 242 -16.82 -40.60 -36.67
CA ARG A 242 -15.38 -40.55 -36.40
C ARG A 242 -14.56 -40.04 -37.57
N GLU A 243 -15.15 -39.93 -38.76
CA GLU A 243 -14.42 -39.35 -39.89
C GLU A 243 -14.31 -37.84 -39.74
N LEU A 244 -15.38 -37.19 -39.31
CA LEU A 244 -15.37 -35.74 -39.15
C LEU A 244 -14.57 -35.32 -37.92
N ILE A 245 -14.70 -36.06 -36.82
CA ILE A 245 -13.97 -35.79 -35.59
C ILE A 245 -12.72 -36.65 -35.62
N THR A 246 -11.58 -36.04 -35.95
CA THR A 246 -10.33 -36.77 -36.10
C THR A 246 -9.52 -36.88 -34.81
N ALA A 247 -9.66 -35.93 -33.89
CA ALA A 247 -8.93 -36.02 -32.63
C ALA A 247 -9.48 -37.10 -31.71
N GLY A 248 -10.66 -37.64 -32.00
CA GLY A 248 -11.18 -38.75 -31.22
C GLY A 248 -12.56 -38.50 -30.64
N VAL A 249 -13.33 -39.57 -30.48
CA VAL A 249 -14.64 -39.52 -29.84
C VAL A 249 -14.53 -40.31 -28.54
N PHE A 250 -14.79 -39.64 -27.43
CA PHE A 250 -14.69 -40.25 -26.11
C PHE A 250 -16.01 -40.14 -25.36
N GLN A 251 -16.16 -40.97 -24.35
CA GLN A 251 -17.26 -40.90 -23.42
C GLN A 251 -16.71 -40.57 -22.04
N SER A 252 -17.46 -39.76 -21.29
CA SER A 252 -17.05 -39.33 -19.95
C SER A 252 -18.21 -39.57 -18.99
N PRO A 253 -18.01 -40.30 -17.90
CA PRO A 253 -19.09 -40.45 -16.92
C PRO A 253 -19.48 -39.16 -16.23
N VAL A 254 -18.65 -38.12 -16.33
CA VAL A 254 -18.97 -36.84 -15.71
C VAL A 254 -20.23 -36.25 -16.32
N LEU A 255 -20.33 -36.28 -17.64
CA LEU A 255 -21.52 -35.76 -18.31
C LEU A 255 -22.72 -36.64 -17.99
N LYS A 256 -23.83 -36.00 -17.60
CA LYS A 256 -25.01 -36.70 -17.15
C LYS A 256 -26.15 -36.51 -18.13
N GLY A 257 -27.06 -37.48 -18.17
CA GLY A 257 -28.18 -37.41 -19.08
C GLY A 257 -27.72 -37.48 -20.53
N LYS A 258 -28.43 -36.74 -21.39
CA LYS A 258 -28.08 -36.65 -22.81
C LYS A 258 -27.37 -35.31 -23.01
N SER A 259 -26.05 -35.34 -22.99
CA SER A 259 -25.25 -34.15 -23.18
C SER A 259 -23.95 -34.51 -23.86
N GLY A 260 -23.35 -33.52 -24.52
CA GLY A 260 -22.10 -33.71 -25.23
C GLY A 260 -21.45 -32.37 -25.47
N VAL A 261 -20.23 -32.42 -26.02
CA VAL A 261 -19.47 -31.21 -26.29
C VAL A 261 -18.45 -31.47 -27.39
N ILE A 262 -18.35 -30.56 -28.35
CA ILE A 262 -17.35 -30.62 -29.41
C ILE A 262 -16.35 -29.49 -29.17
N VAL A 263 -15.07 -29.86 -29.08
CA VAL A 263 -14.02 -28.91 -28.73
C VAL A 263 -12.95 -28.95 -29.82
N ASN A 264 -12.51 -27.78 -30.27
CA ASN A 264 -11.34 -27.70 -31.13
C ASN A 264 -10.09 -27.99 -30.30
N THR A 265 -9.28 -28.93 -30.75
CA THR A 265 -8.18 -29.44 -29.95
C THR A 265 -6.91 -28.58 -30.03
N GLY A 266 -6.98 -27.42 -30.66
CA GLY A 266 -5.79 -26.59 -30.75
C GLY A 266 -5.32 -26.13 -29.39
N ARG A 267 -3.99 -26.00 -29.24
CA ARG A 267 -3.43 -25.45 -28.02
C ARG A 267 -3.83 -24.00 -27.83
N ASN A 268 -4.05 -23.27 -28.93
CA ASN A 268 -4.45 -21.88 -28.83
C ASN A 268 -5.86 -21.73 -28.30
N ASN A 269 -6.73 -22.72 -28.55
CA ASN A 269 -8.11 -22.62 -28.10
C ASN A 269 -8.22 -22.90 -26.60
N LEU A 270 -7.67 -24.01 -26.14
CA LEU A 270 -7.73 -24.35 -24.73
C LEU A 270 -6.56 -25.26 -24.40
N ASP A 271 -6.20 -25.27 -23.11
CA ASP A 271 -5.12 -26.12 -22.64
C ASP A 271 -5.31 -26.37 -21.15
N LEU A 272 -4.46 -27.24 -20.60
CA LEU A 272 -4.50 -27.61 -19.19
C LEU A 272 -3.28 -27.02 -18.49
N ALA A 273 -3.51 -26.16 -17.51
CA ALA A 273 -2.44 -25.57 -16.74
C ALA A 273 -2.13 -26.48 -15.55
N ILE A 274 -0.94 -27.08 -15.56
CA ILE A 274 -0.54 -28.05 -14.55
C ILE A 274 0.53 -27.41 -13.69
N SER A 275 0.23 -27.19 -12.42
CA SER A 275 1.25 -26.77 -11.47
C SER A 275 1.95 -27.95 -10.83
N GLU A 276 1.25 -29.06 -10.66
CA GLU A 276 1.84 -30.29 -10.16
C GLU A 276 0.98 -31.45 -10.64
N ASP A 277 1.61 -32.41 -11.30
CA ASP A 277 0.88 -33.55 -11.86
C ASP A 277 0.49 -34.48 -10.72
N PHE A 278 -0.05 -35.65 -11.06
CA PHE A 278 -0.45 -36.64 -10.07
C PHE A 278 0.74 -37.03 -9.20
N GLU A 279 0.70 -36.63 -7.93
CA GLU A 279 1.81 -36.86 -7.02
C GLU A 279 1.29 -37.54 -5.77
N THR A 280 2.14 -38.35 -5.15
CA THR A 280 1.78 -39.15 -3.99
C THR A 280 2.50 -38.63 -2.76
N ALA A 281 1.74 -38.39 -1.69
CA ALA A 281 2.24 -37.75 -0.49
C ALA A 281 2.06 -38.67 0.71
N TYR A 282 2.88 -38.45 1.73
CA TYR A 282 2.80 -39.19 2.98
C TYR A 282 2.34 -38.24 4.06
N LEU A 283 1.26 -38.59 4.76
CA LEU A 283 0.65 -37.73 5.75
C LEU A 283 1.10 -38.04 7.17
N GLY A 284 2.04 -38.96 7.35
CA GLY A 284 2.51 -39.31 8.67
C GLY A 284 1.65 -40.37 9.33
N GLU A 285 2.21 -41.02 10.34
CA GLU A 285 1.52 -42.09 11.03
C GLU A 285 0.24 -41.58 11.68
N GLU A 286 -0.82 -42.38 11.57
CA GLU A 286 -2.10 -42.06 12.21
C GLU A 286 -2.73 -43.38 12.64
N GLY A 287 -2.78 -43.60 13.96
CA GLY A 287 -3.27 -44.88 14.47
C GLY A 287 -2.41 -46.05 14.06
N MET A 288 -1.09 -45.84 13.99
CA MET A 288 -0.08 -46.81 13.58
C MET A 288 -0.15 -47.17 12.11
N ASN A 289 -1.12 -46.65 11.36
CA ASN A 289 -1.22 -46.90 9.94
C ASN A 289 -0.42 -45.86 9.18
N HIS A 290 -0.50 -45.91 7.84
CA HIS A 290 0.23 -44.98 6.98
C HIS A 290 -0.74 -44.40 5.95
N PRO A 291 -1.40 -43.30 6.29
CA PRO A 291 -2.27 -42.63 5.29
C PRO A 291 -1.45 -41.82 4.31
N PHE A 292 -1.82 -41.94 3.04
CA PHE A 292 -1.19 -41.21 1.95
C PHE A 292 -2.20 -40.26 1.32
N ARG A 293 -1.70 -39.42 0.41
CA ARG A 293 -2.54 -38.46 -0.30
C ARG A 293 -2.08 -38.39 -1.75
N VAL A 294 -2.99 -38.72 -2.67
CA VAL A 294 -2.75 -38.54 -4.09
C VAL A 294 -3.37 -37.20 -4.49
N TYR A 295 -2.52 -36.21 -4.74
CA TYR A 295 -2.97 -34.86 -5.02
C TYR A 295 -2.45 -34.40 -6.37
N GLU A 296 -3.15 -33.43 -6.94
CA GLU A 296 -2.73 -32.80 -8.18
C GLU A 296 -3.32 -31.40 -8.24
N THR A 297 -2.56 -30.49 -8.83
CA THR A 297 -2.97 -29.09 -8.96
C THR A 297 -3.06 -28.76 -10.45
N VAL A 298 -4.27 -28.52 -10.93
CA VAL A 298 -4.51 -28.32 -12.35
C VAL A 298 -5.74 -27.44 -12.53
N VAL A 299 -5.66 -26.50 -13.48
CA VAL A 299 -6.78 -25.64 -13.83
C VAL A 299 -6.89 -25.62 -15.35
N LEU A 300 -8.10 -25.78 -15.86
CA LEU A 300 -8.34 -25.71 -17.29
C LEU A 300 -8.43 -24.25 -17.73
N ARG A 301 -7.74 -23.91 -18.81
CA ARG A 301 -7.78 -22.58 -19.40
C ARG A 301 -8.45 -22.65 -20.76
N ILE A 302 -9.50 -21.85 -20.95
CA ILE A 302 -10.23 -21.79 -22.21
C ILE A 302 -9.94 -20.43 -22.81
N LYS A 303 -8.96 -20.38 -23.70
CA LYS A 303 -8.55 -19.09 -24.28
C LYS A 303 -9.59 -18.59 -25.29
N ARG A 304 -10.19 -19.51 -26.05
CA ARG A 304 -11.18 -19.15 -27.07
C ARG A 304 -12.43 -19.98 -26.84
N PRO A 305 -13.36 -19.49 -26.03
CA PRO A 305 -14.58 -20.26 -25.74
C PRO A 305 -15.44 -20.53 -26.96
N ALA A 306 -15.30 -19.75 -28.03
CA ALA A 306 -16.09 -19.98 -29.23
C ALA A 306 -15.72 -21.29 -29.93
N ALA A 307 -14.60 -21.91 -29.55
CA ALA A 307 -14.21 -23.20 -30.10
C ALA A 307 -14.90 -24.37 -29.42
N ILE A 308 -15.97 -24.12 -28.68
CA ILE A 308 -16.69 -25.15 -27.94
C ILE A 308 -18.16 -25.06 -28.30
N CYS A 309 -18.73 -26.18 -28.76
CA CYS A 309 -20.14 -26.27 -29.11
C CYS A 309 -20.75 -27.42 -28.32
N THR A 310 -21.28 -27.11 -27.14
CA THR A 310 -21.85 -28.12 -26.27
C THR A 310 -23.20 -28.58 -26.80
N LEU A 311 -23.38 -29.90 -26.87
CA LEU A 311 -24.65 -30.48 -27.28
C LEU A 311 -25.47 -30.75 -26.02
N ILE A 312 -26.70 -30.22 -25.98
CA ILE A 312 -27.56 -30.33 -24.81
C ILE A 312 -28.93 -30.82 -25.24
N ASP A 313 -29.49 -31.75 -24.46
CA ASP A 313 -30.81 -32.28 -24.75
C ASP A 313 -31.86 -31.22 -24.46
N PRO A 314 -32.77 -30.94 -25.40
CA PRO A 314 -33.85 -29.96 -25.14
C PRO A 314 -34.84 -30.41 -24.08
N GLU A 315 -34.66 -31.57 -23.46
CA GLU A 315 -35.54 -32.08 -22.42
C GLU A 315 -36.98 -32.22 -22.91
N ASN B 2 18.35 -25.55 19.83
CA ASN B 2 17.49 -24.51 19.30
C ASN B 2 16.24 -25.08 18.65
N LYS B 3 15.52 -24.23 17.91
CA LYS B 3 14.24 -24.65 17.34
C LYS B 3 14.42 -25.72 16.26
N SER B 4 15.49 -25.60 15.46
CA SER B 4 15.68 -26.54 14.35
C SER B 4 15.88 -27.96 14.87
N GLN B 5 16.69 -28.13 15.91
CA GLN B 5 16.88 -29.44 16.50
C GLN B 5 15.73 -29.84 17.41
N LEU B 6 14.95 -28.88 17.89
CA LEU B 6 13.77 -29.21 18.69
C LEU B 6 12.66 -29.80 17.83
N TYR B 7 12.51 -29.32 16.61
CA TYR B 7 11.52 -29.84 15.66
C TYR B 7 12.25 -30.15 14.36
N PRO B 8 12.88 -31.33 14.27
CA PRO B 8 13.64 -31.67 13.06
C PRO B 8 12.78 -31.72 11.80
N ASP B 9 11.48 -31.97 11.93
CA ASP B 9 10.58 -32.03 10.80
C ASP B 9 9.98 -30.69 10.44
N SER B 10 10.40 -29.62 11.11
CA SER B 10 9.84 -28.29 10.84
C SER B 10 10.24 -27.83 9.45
N PRO B 11 9.28 -27.39 8.62
CA PRO B 11 9.65 -26.84 7.31
C PRO B 11 10.45 -25.55 7.40
N LEU B 12 10.37 -24.83 8.51
CA LEU B 12 11.08 -23.58 8.68
C LEU B 12 12.50 -23.84 9.14
N THR B 13 13.46 -23.12 8.56
CA THR B 13 14.86 -23.23 8.96
C THR B 13 15.07 -22.42 10.23
N ASP B 14 16.32 -22.30 10.66
CA ASP B 14 16.61 -21.53 11.87
C ASP B 14 16.27 -20.04 11.67
N GLN B 15 16.67 -19.48 10.53
CA GLN B 15 16.33 -18.09 10.24
C GLN B 15 14.83 -17.90 10.09
N ASP B 16 14.16 -18.85 9.42
CA ASP B 16 12.72 -18.75 9.23
C ASP B 16 11.98 -18.89 10.56
N PHE B 17 12.51 -19.70 11.47
CA PHE B 17 11.83 -19.92 12.74
C PHE B 17 12.01 -18.73 13.68
N ASN B 18 13.16 -18.04 13.60
CA ASN B 18 13.35 -16.84 14.40
C ASN B 18 12.38 -15.75 14.00
N GLN B 19 12.12 -15.62 12.70
CA GLN B 19 11.12 -14.65 12.24
C GLN B 19 9.73 -15.00 12.78
N LEU B 20 9.45 -16.31 12.92
CA LEU B 20 8.21 -16.73 13.56
C LEU B 20 8.18 -16.29 15.02
N ASP B 21 9.31 -16.40 15.72
CA ASP B 21 9.35 -15.98 17.11
C ASP B 21 9.28 -14.46 17.24
N GLN B 22 10.02 -13.74 16.40
CA GLN B 22 10.02 -12.28 16.48
C GLN B 22 8.65 -11.71 16.14
N THR B 23 7.97 -12.28 15.14
CA THR B 23 6.63 -11.84 14.81
C THR B 23 5.66 -12.08 15.96
N VAL B 24 5.77 -13.25 16.60
CA VAL B 24 4.89 -13.57 17.73
C VAL B 24 5.20 -12.66 18.91
N ILE B 25 6.48 -12.42 19.20
CA ILE B 25 6.87 -11.61 20.33
C ILE B 25 6.41 -10.16 20.14
N GLU B 26 6.63 -9.60 18.95
CA GLU B 26 6.24 -8.22 18.70
C GLU B 26 4.72 -8.05 18.78
N ALA B 27 3.97 -8.99 18.20
CA ALA B 27 2.52 -8.91 18.25
C ALA B 27 2.00 -9.06 19.68
N ALA B 28 2.70 -9.82 20.52
CA ALA B 28 2.29 -9.97 21.91
C ALA B 28 2.54 -8.69 22.71
N ARG B 29 3.72 -8.10 22.53
CA ARG B 29 4.05 -6.88 23.28
C ARG B 29 3.13 -5.73 22.91
N ARG B 30 2.75 -5.62 21.64
CA ARG B 30 1.86 -4.57 21.20
C ARG B 30 0.44 -4.73 21.75
N GLN B 31 0.11 -5.88 22.33
CA GLN B 31 -1.23 -6.14 22.83
C GLN B 31 -1.30 -6.49 24.30
N LEU B 32 -0.18 -6.78 24.95
CA LEU B 32 -0.18 -7.17 26.37
C LEU B 32 -0.26 -5.91 27.22
N VAL B 33 -1.43 -5.65 27.79
CA VAL B 33 -1.64 -4.48 28.63
C VAL B 33 -1.45 -4.89 30.08
N GLY B 34 -1.61 -6.18 30.37
CA GLY B 34 -1.43 -6.66 31.73
C GLY B 34 0.01 -6.55 32.19
N ARG B 35 0.96 -6.86 31.32
CA ARG B 35 2.36 -6.83 31.68
C ARG B 35 2.94 -5.42 31.74
N ARG B 36 2.18 -4.41 31.33
CA ARG B 36 2.71 -3.05 31.32
C ARG B 36 2.86 -2.49 32.74
N PHE B 37 2.10 -3.02 33.71
CA PHE B 37 2.19 -2.55 35.08
C PHE B 37 2.25 -3.66 36.12
N ILE B 38 2.06 -4.92 35.74
CA ILE B 38 2.12 -6.04 36.67
C ILE B 38 3.47 -6.71 36.52
N GLU B 39 4.19 -6.84 37.64
CA GLU B 39 5.52 -7.43 37.61
C GLU B 39 5.45 -8.93 37.34
N LEU B 40 6.53 -9.46 36.78
CA LEU B 40 6.62 -10.86 36.41
C LEU B 40 7.35 -11.63 37.51
N TYR B 41 6.74 -12.73 37.97
CA TYR B 41 7.36 -13.64 38.92
C TYR B 41 7.79 -14.88 38.14
N GLY B 42 8.98 -14.82 37.55
CA GLY B 42 9.48 -15.91 36.76
C GLY B 42 10.63 -15.50 35.86
N PRO B 43 10.91 -16.31 34.83
CA PRO B 43 10.25 -17.56 34.46
C PRO B 43 10.56 -18.71 35.43
N LEU B 44 9.52 -19.28 36.04
CA LEU B 44 9.73 -20.37 37.00
C LEU B 44 10.33 -21.59 36.32
N GLY B 45 9.84 -21.95 35.14
CA GLY B 45 10.29 -23.12 34.43
C GLY B 45 9.19 -24.15 34.29
N ARG B 46 9.51 -25.19 33.51
CA ARG B 46 8.54 -26.24 33.23
C ARG B 46 8.28 -27.15 34.42
N GLY B 47 9.10 -27.08 35.46
CA GLY B 47 8.92 -27.91 36.63
C GLY B 47 7.85 -27.46 37.60
N MET B 48 7.19 -26.33 37.31
CA MET B 48 6.16 -25.77 38.18
C MET B 48 4.84 -25.78 37.42
N GLN B 49 3.83 -26.43 38.02
CA GLN B 49 2.50 -26.47 37.42
C GLN B 49 1.44 -25.78 38.26
N SER B 50 1.73 -25.47 39.53
CA SER B 50 0.82 -24.74 40.38
C SER B 50 1.63 -23.86 41.32
N VAL B 51 1.04 -22.75 41.71
CA VAL B 51 1.69 -21.79 42.60
C VAL B 51 0.81 -21.56 43.82
N PHE B 52 1.44 -21.17 44.92
CA PHE B 52 0.74 -20.89 46.16
C PHE B 52 0.59 -19.39 46.32
N ASN B 53 -0.64 -18.94 46.51
CA ASN B 53 -0.95 -17.52 46.66
C ASN B 53 -1.38 -17.26 48.10
N ASP B 54 -0.71 -16.33 48.76
CA ASP B 54 -1.05 -15.92 50.12
C ASP B 54 -1.88 -14.64 50.04
N ILE B 55 -3.16 -14.76 50.35
CA ILE B 55 -4.09 -13.65 50.24
C ILE B 55 -4.17 -12.94 51.58
N PHE B 56 -3.67 -11.70 51.63
CA PHE B 56 -3.71 -10.89 52.84
C PHE B 56 -4.94 -9.99 52.76
N MET B 57 -6.01 -10.40 53.42
CA MET B 57 -7.25 -9.64 53.41
C MET B 57 -7.20 -8.53 54.45
N GLU B 58 -7.92 -7.45 54.17
CA GLU B 58 -7.96 -6.30 55.07
C GLU B 58 -9.40 -5.86 55.33
N SER B 111 -2.96 -14.93 57.07
CA SER B 111 -3.16 -14.97 55.62
C SER B 111 -3.85 -16.26 55.19
N ARG B 112 -4.37 -16.26 53.98
CA ARG B 112 -5.03 -17.42 53.40
C ARG B 112 -4.21 -17.96 52.24
N ARG B 113 -3.87 -19.24 52.30
CA ARG B 113 -3.03 -19.87 51.28
C ARG B 113 -3.92 -20.67 50.34
N VAL B 114 -3.85 -20.35 49.04
CA VAL B 114 -4.63 -21.02 48.02
C VAL B 114 -3.67 -21.51 46.94
N ASN B 115 -3.83 -22.76 46.53
CA ASN B 115 -2.99 -23.35 45.49
C ASN B 115 -3.61 -23.04 44.13
N TYR B 116 -2.99 -22.10 43.41
CA TYR B 116 -3.45 -21.69 42.09
C TYR B 116 -2.72 -22.51 41.04
N THR B 117 -3.43 -23.43 40.40
CA THR B 117 -2.87 -24.14 39.27
C THR B 117 -2.71 -23.20 38.08
N ILE B 118 -1.60 -23.33 37.36
CA ILE B 118 -1.28 -22.41 36.29
C ILE B 118 -1.98 -22.85 35.01
N PRO B 119 -2.89 -22.03 34.47
CA PRO B 119 -3.54 -22.39 33.21
C PRO B 119 -2.60 -22.22 32.03
N MET B 120 -2.96 -22.86 30.92
CA MET B 120 -2.23 -22.73 29.67
C MET B 120 -3.16 -22.11 28.63
N LEU B 121 -2.74 -20.98 28.07
CA LEU B 121 -3.49 -20.29 27.03
C LEU B 121 -2.76 -20.44 25.71
N TYR B 122 -3.50 -20.83 24.67
CA TYR B 122 -2.86 -21.15 23.39
C TYR B 122 -3.77 -20.78 22.23
N LYS B 123 -3.14 -20.50 21.10
CA LYS B 123 -3.81 -20.36 19.82
C LYS B 123 -3.01 -21.14 18.78
N ASP B 124 -3.70 -21.73 17.81
CA ASP B 124 -3.04 -22.72 16.96
C ASP B 124 -2.46 -22.12 15.68
N PHE B 125 -3.32 -21.58 14.82
CA PHE B 125 -2.98 -21.09 13.47
C PHE B 125 -2.28 -22.17 12.63
N VAL B 126 -2.27 -22.00 11.31
CA VAL B 126 -1.77 -23.02 10.40
C VAL B 126 -0.93 -22.34 9.32
N LEU B 127 0.25 -22.89 9.06
CA LEU B 127 1.09 -22.47 7.93
C LEU B 127 0.90 -23.43 6.78
N TYR B 128 0.18 -22.99 5.74
CA TYR B 128 -0.14 -23.83 4.60
C TYR B 128 1.12 -24.12 3.80
N TRP B 129 1.23 -25.36 3.30
CA TRP B 129 2.44 -25.77 2.60
C TRP B 129 2.57 -25.12 1.23
N ARG B 130 1.46 -24.84 0.56
CA ARG B 130 1.53 -24.19 -0.75
C ARG B 130 2.15 -22.81 -0.65
N ASP B 131 1.80 -22.06 0.39
CA ASP B 131 2.42 -20.76 0.62
C ASP B 131 3.91 -20.91 0.92
N LEU B 132 4.27 -21.91 1.73
CA LEU B 132 5.68 -22.11 2.07
C LEU B 132 6.49 -22.53 0.85
N GLU B 133 5.93 -23.40 0.01
CA GLU B 133 6.63 -23.83 -1.20
C GLU B 133 6.78 -22.69 -2.18
N GLN B 134 5.75 -21.86 -2.34
CA GLN B 134 5.84 -20.73 -3.26
C GLN B 134 6.89 -19.74 -2.78
N SER B 135 6.96 -19.49 -1.47
CA SER B 135 7.96 -18.56 -0.95
C SER B 135 9.37 -19.08 -1.19
N LYS B 136 9.59 -20.39 -0.99
CA LYS B 136 10.90 -20.96 -1.24
C LYS B 136 11.27 -20.88 -2.72
N ALA B 137 10.31 -21.15 -3.60
CA ALA B 137 10.59 -21.13 -5.03
C ALA B 137 10.94 -19.73 -5.52
N LEU B 138 10.22 -18.72 -5.04
CA LEU B 138 10.44 -17.34 -5.46
C LEU B 138 11.44 -16.60 -4.59
N ASP B 139 12.02 -17.27 -3.59
CA ASP B 139 13.04 -16.68 -2.71
C ASP B 139 12.54 -15.41 -2.03
N ILE B 140 11.28 -15.43 -1.61
CA ILE B 140 10.70 -14.31 -0.88
C ILE B 140 10.54 -14.70 0.58
N PRO B 141 10.52 -13.76 1.52
CA PRO B 141 10.35 -14.13 2.93
C PRO B 141 8.99 -14.74 3.19
N ILE B 142 8.94 -15.63 4.17
CA ILE B 142 7.72 -16.36 4.51
C ILE B 142 6.76 -15.43 5.24
N ASP B 143 5.50 -15.44 4.80
CA ASP B 143 4.48 -14.60 5.41
C ASP B 143 4.02 -15.22 6.73
N PHE B 144 4.10 -14.42 7.80
CA PHE B 144 3.70 -14.87 9.13
C PHE B 144 2.55 -14.02 9.67
N SER B 145 1.68 -13.52 8.79
CA SER B 145 0.56 -12.70 9.22
C SER B 145 -0.40 -13.51 10.09
N VAL B 146 -0.63 -14.77 9.74
CA VAL B 146 -1.51 -15.62 10.54
C VAL B 146 -0.89 -15.88 11.91
N ALA B 147 0.44 -15.98 11.97
CA ALA B 147 1.12 -16.18 13.24
C ALA B 147 0.92 -14.98 14.16
N ALA B 148 1.01 -13.77 13.62
CA ALA B 148 0.79 -12.58 14.42
C ALA B 148 -0.65 -12.51 14.90
N ASN B 149 -1.59 -12.94 14.07
CA ASN B 149 -3.00 -12.95 14.48
C ASN B 149 -3.22 -13.87 15.67
N ALA B 150 -2.59 -15.04 15.66
CA ALA B 150 -2.70 -15.96 16.79
C ALA B 150 -2.12 -15.37 18.05
N ALA B 151 -0.98 -14.67 17.94
CA ALA B 151 -0.36 -14.05 19.10
C ALA B 151 -1.25 -12.95 19.67
N ARG B 152 -2.02 -12.27 18.81
CA ARG B 152 -2.93 -11.24 19.26
C ARG B 152 -4.11 -11.85 20.01
N ASP B 153 -4.36 -13.14 19.81
CA ASP B 153 -5.43 -13.84 20.51
C ASP B 153 -4.99 -14.46 21.81
N VAL B 154 -3.73 -14.89 21.92
CA VAL B 154 -3.16 -15.30 23.20
C VAL B 154 -2.96 -14.08 24.11
N ALA B 155 -2.51 -12.95 23.55
CA ALA B 155 -2.41 -11.73 24.34
C ALA B 155 -3.78 -11.19 24.74
N PHE B 156 -4.83 -11.51 23.98
CA PHE B 156 -6.18 -11.16 24.40
C PHE B 156 -6.72 -12.13 25.43
N LEU B 157 -6.36 -13.41 25.35
CA LEU B 157 -6.73 -14.40 26.35
C LEU B 157 -6.08 -14.14 27.70
N GLU B 158 -4.81 -13.72 27.72
CA GLU B 158 -4.18 -13.37 28.98
C GLU B 158 -4.85 -12.17 29.63
N ASP B 159 -5.17 -11.15 28.82
CA ASP B 159 -5.84 -9.97 29.36
C ASP B 159 -7.21 -10.32 29.91
N GLN B 160 -7.94 -11.19 29.23
CA GLN B 160 -9.23 -11.66 29.75
C GLN B 160 -9.05 -12.42 31.05
N MET B 161 -8.01 -13.25 31.14
CA MET B 161 -7.77 -14.01 32.36
C MET B 161 -7.27 -13.10 33.48
N ILE B 162 -6.44 -12.11 33.13
CA ILE B 162 -5.92 -11.20 34.15
C ILE B 162 -7.03 -10.32 34.71
N PHE B 163 -7.89 -9.79 33.83
CA PHE B 163 -8.89 -8.82 34.27
C PHE B 163 -10.19 -9.46 34.72
N HIS B 164 -10.56 -10.62 34.19
CA HIS B 164 -11.82 -11.25 34.55
C HIS B 164 -11.67 -12.63 35.18
N GLY B 165 -10.49 -13.22 35.13
CA GLY B 165 -10.24 -14.47 35.83
C GLY B 165 -10.58 -15.69 35.01
N SER B 166 -9.97 -16.81 35.39
CA SER B 166 -10.18 -18.09 34.74
C SER B 166 -11.25 -18.85 35.52
N LYS B 167 -12.46 -18.95 34.93
CA LYS B 167 -13.56 -19.60 35.62
C LYS B 167 -13.33 -21.11 35.76
N GLU B 168 -12.70 -21.73 34.76
CA GLU B 168 -12.50 -23.17 34.81
C GLU B 168 -11.55 -23.57 35.94
N PHE B 169 -10.48 -22.80 36.15
CA PHE B 169 -9.56 -23.06 37.25
C PHE B 169 -9.87 -22.27 38.51
N ASP B 170 -10.94 -21.46 38.48
CA ASP B 170 -11.36 -20.68 39.64
C ASP B 170 -10.24 -19.77 40.15
N ILE B 171 -9.70 -18.95 39.25
CA ILE B 171 -8.68 -17.96 39.58
C ILE B 171 -9.32 -16.58 39.41
N PRO B 172 -9.25 -15.71 40.42
CA PRO B 172 -9.88 -14.40 40.31
C PRO B 172 -9.06 -13.43 39.47
N GLY B 173 -9.72 -12.36 39.04
CA GLY B 173 -9.10 -11.31 38.26
C GLY B 173 -9.21 -9.96 38.95
N LEU B 174 -8.68 -8.96 38.26
CA LEU B 174 -8.71 -7.60 38.80
C LEU B 174 -10.13 -7.09 38.98
N MET B 175 -11.00 -7.36 38.01
CA MET B 175 -12.38 -6.90 38.03
C MET B 175 -13.30 -7.83 38.81
N ASN B 176 -12.78 -8.93 39.36
CA ASN B 176 -13.61 -9.98 39.91
C ASN B 176 -13.18 -10.45 41.30
N VAL B 177 -11.94 -10.23 41.72
CA VAL B 177 -11.44 -10.80 42.97
C VAL B 177 -12.27 -10.31 44.15
N LYS B 178 -12.38 -11.16 45.17
CA LYS B 178 -13.08 -10.83 46.40
C LYS B 178 -12.14 -10.10 47.34
N GLY B 179 -12.65 -9.03 47.97
CA GLY B 179 -11.85 -8.19 48.83
C GLY B 179 -11.35 -6.92 48.17
N ARG B 180 -11.72 -6.67 46.92
CA ARG B 180 -11.33 -5.45 46.23
C ARG B 180 -12.21 -4.29 46.69
N LEU B 181 -11.80 -3.08 46.31
CA LEU B 181 -12.55 -1.87 46.58
C LEU B 181 -13.36 -1.49 45.36
N THR B 182 -14.59 -1.05 45.58
CA THR B 182 -15.53 -0.73 44.50
C THR B 182 -15.93 0.74 44.60
N HIS B 183 -15.81 1.46 43.49
CA HIS B 183 -16.25 2.83 43.39
C HIS B 183 -17.26 2.95 42.25
N LEU B 184 -18.39 3.58 42.54
CA LEU B 184 -19.47 3.74 41.56
C LEU B 184 -19.29 5.08 40.85
N ILE B 185 -18.86 5.03 39.58
CA ILE B 185 -18.69 6.26 38.82
C ILE B 185 -20.04 6.86 38.48
N GLY B 186 -20.04 8.17 38.26
CA GLY B 186 -21.26 8.88 37.92
C GLY B 186 -21.49 8.95 36.43
N ASN B 187 -21.52 10.17 35.89
CA ASN B 187 -21.69 10.39 34.46
C ASN B 187 -20.41 11.03 33.95
N TRP B 188 -19.54 10.22 33.32
CA TRP B 188 -18.28 10.70 32.81
C TRP B 188 -18.43 11.57 31.57
N TYR B 189 -19.61 11.60 30.95
CA TYR B 189 -19.80 12.41 29.76
C TYR B 189 -19.61 13.90 30.06
N GLU B 190 -20.15 14.36 31.18
CA GLU B 190 -19.93 15.74 31.59
C GLU B 190 -18.48 15.94 32.00
N SER B 191 -17.86 16.99 31.47
CA SER B 191 -16.45 17.23 31.72
C SER B 191 -16.19 17.54 33.18
N GLY B 192 -15.09 16.98 33.70
CA GLY B 192 -14.71 17.14 35.08
C GLY B 192 -15.16 16.03 36.00
N ASN B 193 -16.16 15.25 35.59
CA ASN B 193 -16.62 14.15 36.43
C ASN B 193 -15.62 13.00 36.43
N ALA B 194 -14.96 12.77 35.30
CA ALA B 194 -14.00 11.67 35.21
C ALA B 194 -12.83 11.87 36.16
N PHE B 195 -12.31 13.10 36.22
CA PHE B 195 -11.21 13.38 37.13
C PHE B 195 -11.65 13.25 38.58
N GLN B 196 -12.86 13.73 38.91
CA GLN B 196 -13.35 13.64 40.27
C GLN B 196 -13.56 12.19 40.69
N ASP B 197 -14.10 11.36 39.80
CA ASP B 197 -14.35 9.97 40.13
C ASP B 197 -13.04 9.24 40.41
N ILE B 198 -12.00 9.52 39.64
CA ILE B 198 -10.69 8.92 39.90
C ILE B 198 -10.12 9.43 41.22
N VAL B 199 -10.34 10.71 41.52
CA VAL B 199 -9.82 11.28 42.76
C VAL B 199 -10.43 10.59 43.97
N GLU B 200 -11.76 10.46 43.98
CA GLU B 200 -12.42 9.77 45.09
C GLU B 200 -12.05 8.30 45.15
N ALA B 201 -11.96 7.64 43.99
CA ALA B 201 -11.57 6.23 43.97
C ALA B 201 -10.15 6.04 44.45
N ARG B 202 -9.23 6.91 44.03
CA ARG B 202 -7.86 6.83 44.54
C ARG B 202 -7.81 7.13 46.03
N ASN B 203 -8.75 7.94 46.54
CA ASN B 203 -8.81 8.23 47.97
C ASN B 203 -9.11 6.96 48.76
N LYS B 204 -9.98 6.10 48.23
CA LYS B 204 -10.27 4.83 48.90
C LYS B 204 -9.02 3.98 49.06
N LEU B 205 -8.19 3.92 48.02
CA LEU B 205 -6.93 3.20 48.13
C LEU B 205 -6.00 3.86 49.13
N LEU B 206 -6.00 5.20 49.18
CA LEU B 206 -5.14 5.89 50.13
C LEU B 206 -5.58 5.66 51.57
N GLU B 207 -6.88 5.52 51.81
CA GLU B 207 -7.36 5.22 53.16
C GLU B 207 -6.99 3.83 53.63
N MET B 208 -6.57 2.95 52.72
CA MET B 208 -6.13 1.61 53.07
C MET B 208 -4.61 1.49 53.10
N ASN B 209 -3.91 2.61 53.31
CA ASN B 209 -2.45 2.64 53.37
C ASN B 209 -1.81 2.12 52.08
N HIS B 210 -2.45 2.44 50.95
CA HIS B 210 -1.92 2.14 49.63
C HIS B 210 -1.63 3.48 48.95
N ASN B 211 -0.39 3.96 49.10
CA ASN B 211 -0.02 5.30 48.68
C ASN B 211 0.70 5.31 47.33
N GLY B 212 0.30 4.43 46.41
CA GLY B 212 0.84 4.43 45.08
C GLY B 212 2.14 3.66 44.96
N PRO B 213 2.70 3.60 43.75
CA PRO B 213 2.22 4.20 42.49
C PRO B 213 1.01 3.45 41.95
N TYR B 214 0.04 4.17 41.40
CA TYR B 214 -1.20 3.56 40.92
C TYR B 214 -1.14 3.38 39.41
N ALA B 215 -1.82 2.33 38.93
CA ALA B 215 -1.98 2.08 37.52
C ALA B 215 -3.47 1.95 37.23
N LEU B 216 -3.96 2.78 36.32
CA LEU B 216 -5.38 2.84 35.99
C LEU B 216 -5.61 2.28 34.60
N VAL B 217 -6.50 1.28 34.50
CA VAL B 217 -6.89 0.69 33.23
C VAL B 217 -8.38 0.92 33.04
N LEU B 218 -8.74 1.52 31.91
CA LEU B 218 -10.12 1.86 31.62
C LEU B 218 -10.56 1.22 30.31
N SER B 219 -11.87 1.01 30.18
CA SER B 219 -12.40 0.55 28.92
C SER B 219 -12.24 1.63 27.87
N PRO B 220 -12.18 1.27 26.58
CA PRO B 220 -11.96 2.28 25.54
C PRO B 220 -13.01 3.37 25.55
N GLU B 221 -14.25 3.07 25.93
CA GLU B 221 -15.28 4.09 26.03
C GLU B 221 -14.91 5.14 27.08
N LEU B 222 -14.44 4.69 28.24
CA LEU B 222 -14.03 5.61 29.29
C LEU B 222 -12.67 6.23 28.99
N TYR B 223 -11.77 5.45 28.37
CA TYR B 223 -10.45 5.97 28.06
C TYR B 223 -10.52 7.13 27.07
N SER B 224 -11.39 7.03 26.06
CA SER B 224 -11.57 8.12 25.11
C SER B 224 -12.28 9.30 25.76
N LEU B 225 -13.12 9.03 26.76
CA LEU B 225 -13.82 10.11 27.45
C LEU B 225 -12.86 10.98 28.25
N LEU B 226 -11.67 10.45 28.56
CA LEU B 226 -10.69 11.21 29.31
C LEU B 226 -9.93 12.22 28.46
N HIS B 227 -10.11 12.20 27.15
CA HIS B 227 -9.34 13.04 26.24
C HIS B 227 -9.98 14.39 26.00
N ARG B 228 -11.15 14.65 26.56
CA ARG B 228 -11.74 15.97 26.46
C ARG B 228 -11.01 16.95 27.39
N VAL B 229 -11.08 18.23 27.04
CA VAL B 229 -10.45 19.26 27.85
C VAL B 229 -11.23 19.42 29.14
N HIS B 230 -10.51 19.58 30.25
CA HIS B 230 -11.14 19.72 31.56
C HIS B 230 -12.03 20.96 31.59
N LYS B 231 -12.84 21.05 32.65
CA LYS B 231 -13.88 22.07 32.70
C LYS B 231 -13.31 23.48 32.61
N ASP B 232 -12.51 23.87 33.60
CA ASP B 232 -12.03 25.26 33.68
C ASP B 232 -10.55 25.29 34.01
N THR B 233 -9.79 24.29 33.55
CA THR B 233 -8.36 24.25 33.81
C THR B 233 -7.54 24.20 32.53
N ASN B 234 -8.16 24.43 31.36
CA ASN B 234 -7.52 24.54 30.05
C ASN B 234 -6.46 23.46 29.81
N VAL B 235 -6.66 22.28 30.39
CA VAL B 235 -5.73 21.17 30.27
C VAL B 235 -6.55 19.92 30.02
N LEU B 236 -6.04 19.04 29.14
CA LEU B 236 -6.74 17.81 28.83
C LEU B 236 -6.97 16.99 30.10
N GLU B 237 -8.17 16.43 30.21
CA GLU B 237 -8.54 15.69 31.40
C GLU B 237 -7.65 14.46 31.59
N ILE B 238 -7.18 13.88 30.49
CA ILE B 238 -6.28 12.72 30.59
C ILE B 238 -4.95 13.14 31.19
N GLU B 239 -4.49 14.35 30.88
CA GLU B 239 -3.22 14.82 31.42
C GLU B 239 -3.26 14.95 32.93
N HIS B 240 -4.36 15.48 33.47
CA HIS B 240 -4.49 15.59 34.92
C HIS B 240 -4.54 14.22 35.57
N VAL B 241 -5.26 13.27 34.97
CA VAL B 241 -5.29 11.92 35.49
C VAL B 241 -3.90 11.28 35.41
N ARG B 242 -3.19 11.51 34.31
CA ARG B 242 -1.85 10.96 34.16
C ARG B 242 -0.89 11.50 35.21
N GLU B 243 -1.13 12.73 35.69
CA GLU B 243 -0.35 13.23 36.82
C GLU B 243 -0.71 12.49 38.10
N LEU B 244 -1.98 12.13 38.26
CA LEU B 244 -2.42 11.41 39.45
C LEU B 244 -1.94 9.97 39.44
N ILE B 245 -2.05 9.31 38.29
CA ILE B 245 -1.65 7.91 38.15
C ILE B 245 -0.24 7.88 37.59
N THR B 246 0.72 7.49 38.43
CA THR B 246 2.12 7.55 38.03
C THR B 246 2.48 6.44 37.05
N ALA B 247 2.00 5.22 37.29
CA ALA B 247 2.36 4.08 36.45
C ALA B 247 1.78 4.17 35.05
N GLY B 248 0.87 5.08 34.79
CA GLY B 248 0.35 5.27 33.46
C GLY B 248 -1.10 4.82 33.34
N VAL B 249 -1.84 5.49 32.46
CA VAL B 249 -3.23 5.18 32.20
C VAL B 249 -3.29 4.37 30.91
N PHE B 250 -3.76 3.14 31.00
CA PHE B 250 -3.87 2.24 29.86
C PHE B 250 -5.34 2.01 29.52
N GLN B 251 -5.57 1.29 28.43
CA GLN B 251 -6.90 0.88 28.03
C GLN B 251 -6.83 -0.57 27.56
N SER B 252 -7.94 -1.29 27.77
CA SER B 252 -8.02 -2.68 27.37
C SER B 252 -9.39 -2.95 26.78
N PRO B 253 -9.47 -3.58 25.61
CA PRO B 253 -10.78 -3.93 25.04
C PRO B 253 -11.53 -4.97 25.85
N VAL B 254 -10.85 -5.68 26.76
CA VAL B 254 -11.52 -6.71 27.55
C VAL B 254 -12.57 -6.12 28.46
N LEU B 255 -12.37 -4.88 28.90
CA LEU B 255 -13.35 -4.22 29.76
C LEU B 255 -14.49 -3.69 28.90
N LYS B 256 -15.71 -4.12 29.21
CA LYS B 256 -16.88 -3.79 28.39
C LYS B 256 -17.67 -2.67 29.04
N GLY B 257 -18.25 -1.80 28.20
CA GLY B 257 -19.05 -0.71 28.70
C GLY B 257 -18.22 0.33 29.42
N LYS B 258 -18.84 0.97 30.41
CA LYS B 258 -18.16 1.94 31.25
C LYS B 258 -17.62 1.22 32.47
N SER B 259 -16.35 0.83 32.43
CA SER B 259 -15.72 0.14 33.54
C SER B 259 -14.23 0.43 33.55
N GLY B 260 -13.63 0.24 34.72
CA GLY B 260 -12.21 0.49 34.88
C GLY B 260 -11.73 -0.06 36.19
N VAL B 261 -10.42 0.06 36.41
CA VAL B 261 -9.79 -0.46 37.62
C VAL B 261 -8.54 0.35 37.92
N ILE B 262 -8.32 0.62 39.20
CA ILE B 262 -7.10 1.26 39.67
C ILE B 262 -6.37 0.25 40.55
N VAL B 263 -5.12 -0.04 40.21
CA VAL B 263 -4.32 -1.05 40.90
C VAL B 263 -3.08 -0.38 41.47
N ASN B 264 -2.85 -0.56 42.76
CA ASN B 264 -1.62 -0.08 43.38
C ASN B 264 -0.50 -1.03 43.03
N THR B 265 0.45 -0.58 42.22
CA THR B 265 1.50 -1.44 41.70
C THR B 265 2.43 -1.89 42.82
N GLY B 266 3.24 -2.89 42.50
CA GLY B 266 4.18 -3.45 43.46
C GLY B 266 4.05 -4.97 43.53
N ARG B 267 5.17 -5.67 43.41
CA ARG B 267 5.15 -7.12 43.43
C ARG B 267 4.67 -7.68 44.76
N ASN B 268 4.74 -6.89 45.83
CA ASN B 268 4.19 -7.32 47.10
C ASN B 268 2.68 -7.20 47.17
N ASN B 269 2.06 -6.55 46.18
CA ASN B 269 0.61 -6.43 46.09
C ASN B 269 0.00 -7.41 45.11
N LEU B 270 0.57 -7.49 43.91
CA LEU B 270 0.13 -8.45 42.91
C LEU B 270 1.27 -8.69 41.94
N ASP B 271 1.31 -9.90 41.39
CA ASP B 271 2.39 -10.27 40.49
C ASP B 271 1.88 -11.29 39.48
N LEU B 272 2.68 -11.50 38.43
CA LEU B 272 2.36 -12.43 37.37
C LEU B 272 3.35 -13.59 37.40
N ALA B 273 2.84 -14.81 37.50
CA ALA B 273 3.66 -16.02 37.57
C ALA B 273 3.68 -16.66 36.19
N ILE B 274 4.86 -16.70 35.58
CA ILE B 274 5.04 -17.27 34.25
C ILE B 274 5.98 -18.46 34.37
N SER B 275 5.46 -19.66 34.13
CA SER B 275 6.34 -20.82 33.99
C SER B 275 7.03 -20.80 32.64
N GLU B 276 6.29 -20.44 31.59
CA GLU B 276 6.84 -20.30 30.25
C GLU B 276 6.16 -19.13 29.56
N ASP B 277 6.96 -18.26 28.95
CA ASP B 277 6.43 -17.09 28.27
C ASP B 277 5.90 -17.48 26.89
N PHE B 278 5.62 -16.49 26.05
CA PHE B 278 5.12 -16.74 24.71
C PHE B 278 6.06 -17.64 23.94
N GLU B 279 5.59 -18.83 23.59
CA GLU B 279 6.38 -19.82 22.88
C GLU B 279 5.59 -20.36 21.70
N THR B 280 6.31 -20.72 20.65
CA THR B 280 5.72 -21.30 19.44
C THR B 280 6.22 -22.73 19.31
N ALA B 281 5.30 -23.68 19.21
CA ALA B 281 5.62 -25.09 19.15
C ALA B 281 4.99 -25.71 17.91
N TYR B 282 5.76 -26.55 17.22
CA TYR B 282 5.24 -27.29 16.07
C TYR B 282 4.35 -28.42 16.57
N LEU B 283 3.15 -28.51 16.02
CA LEU B 283 2.22 -29.58 16.38
C LEU B 283 2.32 -30.78 15.45
N GLY B 284 3.28 -30.78 14.52
CA GLY B 284 3.41 -31.87 13.59
C GLY B 284 2.59 -31.68 12.35
N GLU B 285 3.13 -32.06 11.19
CA GLU B 285 2.43 -31.88 9.92
C GLU B 285 1.13 -32.67 9.92
N GLU B 286 0.05 -32.05 9.46
CA GLU B 286 -1.25 -32.68 9.40
C GLU B 286 -1.96 -32.23 8.13
N GLY B 287 -2.22 -33.18 7.23
CA GLY B 287 -2.85 -32.85 5.95
C GLY B 287 -1.99 -31.96 5.09
N MET B 288 -0.68 -32.22 5.04
CA MET B 288 0.30 -31.45 4.30
C MET B 288 0.49 -30.04 4.87
N ASN B 289 -0.31 -29.65 5.84
CA ASN B 289 -0.16 -28.35 6.45
C ASN B 289 0.80 -28.45 7.64
N HIS B 290 1.16 -27.30 8.19
CA HIS B 290 2.11 -27.22 9.30
C HIS B 290 1.47 -26.41 10.42
N PRO B 291 0.64 -27.04 11.24
CA PRO B 291 0.03 -26.32 12.36
C PRO B 291 1.05 -26.07 13.47
N PHE B 292 0.99 -24.89 14.04
CA PHE B 292 1.82 -24.51 15.16
C PHE B 292 0.93 -24.23 16.37
N ARG B 293 1.53 -23.69 17.43
CA ARG B 293 0.76 -23.33 18.62
C ARG B 293 1.52 -22.26 19.38
N VAL B 294 0.95 -21.06 19.45
CA VAL B 294 1.47 -20.00 20.31
C VAL B 294 0.81 -20.15 21.67
N TYR B 295 1.61 -20.50 22.67
CA TYR B 295 1.08 -20.82 23.99
C TYR B 295 1.89 -20.14 25.07
N GLU B 296 1.24 -19.98 26.23
CA GLU B 296 1.91 -19.47 27.42
C GLU B 296 1.17 -20.03 28.64
N THR B 297 1.92 -20.20 29.73
CA THR B 297 1.37 -20.69 30.99
C THR B 297 1.53 -19.56 32.02
N VAL B 298 0.47 -18.81 32.24
CA VAL B 298 0.50 -17.63 33.08
C VAL B 298 -0.67 -17.66 34.05
N VAL B 299 -0.50 -17.01 35.20
CA VAL B 299 -1.55 -16.92 36.21
C VAL B 299 -1.30 -15.64 37.01
N LEU B 300 -2.39 -15.00 37.43
CA LEU B 300 -2.32 -13.75 38.19
C LEU B 300 -2.53 -14.06 39.67
N ARG B 301 -1.58 -13.65 40.50
CA ARG B 301 -1.68 -13.79 41.94
C ARG B 301 -1.96 -12.42 42.56
N ILE B 302 -3.14 -12.29 43.15
CA ILE B 302 -3.55 -11.05 43.82
C ILE B 302 -3.33 -11.28 45.31
N LYS B 303 -2.16 -10.86 45.80
CA LYS B 303 -1.83 -11.06 47.21
C LYS B 303 -2.55 -10.08 48.12
N ARG B 304 -2.80 -8.85 47.65
CA ARG B 304 -3.46 -7.81 48.43
C ARG B 304 -4.69 -7.33 47.66
N PRO B 305 -5.85 -7.96 47.86
CA PRO B 305 -7.06 -7.50 47.16
C PRO B 305 -7.45 -6.08 47.49
N ALA B 306 -7.04 -5.55 48.65
CA ALA B 306 -7.36 -4.18 49.01
C ALA B 306 -6.60 -3.16 48.19
N ALA B 307 -5.63 -3.58 47.39
CA ALA B 307 -4.86 -2.69 46.53
C ALA B 307 -5.51 -2.47 45.17
N ILE B 308 -6.70 -3.01 44.94
CA ILE B 308 -7.41 -2.88 43.68
C ILE B 308 -8.70 -2.12 43.94
N CYS B 309 -8.89 -1.02 43.24
CA CYS B 309 -10.13 -0.26 43.29
C CYS B 309 -10.83 -0.38 41.95
N THR B 310 -12.09 -0.78 41.98
CA THR B 310 -12.86 -1.10 40.79
C THR B 310 -13.88 -0.01 40.51
N LEU B 311 -13.90 0.48 39.27
CA LEU B 311 -14.84 1.50 38.83
C LEU B 311 -15.90 0.84 37.96
N ILE B 312 -17.16 0.92 38.38
CA ILE B 312 -18.28 0.35 37.66
C ILE B 312 -19.40 1.38 37.59
N ASP B 313 -20.33 1.13 36.68
CA ASP B 313 -21.50 2.00 36.55
C ASP B 313 -22.73 1.32 37.13
N PRO B 314 -23.60 2.09 37.79
CA PRO B 314 -24.84 1.56 38.37
C PRO B 314 -25.92 1.29 37.32
N MET C 1 26.11 -3.23 -12.77
CA MET C 1 24.77 -3.27 -13.34
C MET C 1 24.29 -1.87 -13.68
N ASN C 2 24.52 -1.45 -14.92
CA ASN C 2 24.15 -0.13 -15.40
C ASN C 2 23.13 -0.25 -16.52
N LYS C 3 22.24 0.74 -16.61
CA LYS C 3 21.20 0.73 -17.63
C LYS C 3 21.73 0.96 -19.03
N SER C 4 23.00 1.36 -19.18
CA SER C 4 23.57 1.53 -20.52
C SER C 4 23.62 0.20 -21.26
N GLN C 5 24.04 -0.88 -20.57
CA GLN C 5 24.03 -2.19 -21.19
C GLN C 5 22.62 -2.77 -21.31
N LEU C 6 21.72 -2.35 -20.42
CA LEU C 6 20.34 -2.84 -20.51
C LEU C 6 19.66 -2.28 -21.76
N TYR C 7 19.96 -1.05 -22.13
CA TYR C 7 19.42 -0.42 -23.34
C TYR C 7 20.58 0.07 -24.18
N PRO C 8 21.22 -0.82 -24.95
CA PRO C 8 22.34 -0.39 -25.80
C PRO C 8 21.96 0.67 -26.82
N ASP C 9 20.72 0.66 -27.29
CA ASP C 9 20.27 1.62 -28.29
C ASP C 9 19.86 2.96 -27.69
N SER C 10 19.89 3.08 -26.36
CA SER C 10 19.53 4.33 -25.73
C SER C 10 20.55 5.42 -26.06
N PRO C 11 20.12 6.68 -26.17
CA PRO C 11 21.07 7.77 -26.44
C PRO C 11 21.76 8.28 -25.19
N LEU C 12 21.32 7.87 -24.00
CA LEU C 12 21.87 8.36 -22.75
C LEU C 12 23.00 7.45 -22.28
N THR C 13 24.06 8.07 -21.77
CA THR C 13 25.20 7.33 -21.24
C THR C 13 24.88 6.85 -19.83
N ASP C 14 25.90 6.35 -19.12
CA ASP C 14 25.69 5.89 -17.75
C ASP C 14 25.27 7.03 -16.85
N GLN C 15 25.94 8.19 -16.97
CA GLN C 15 25.62 9.33 -16.11
C GLN C 15 24.25 9.91 -16.46
N ASP C 16 23.92 9.97 -17.75
CA ASP C 16 22.64 10.55 -18.15
C ASP C 16 21.47 9.73 -17.63
N PHE C 17 21.58 8.40 -17.68
CA PHE C 17 20.56 7.55 -17.08
C PHE C 17 20.49 7.76 -15.57
N ASN C 18 21.64 7.92 -14.92
CA ASN C 18 21.64 8.17 -13.49
C ASN C 18 20.91 9.46 -13.15
N GLN C 19 21.16 10.52 -13.93
CA GLN C 19 20.43 11.76 -13.73
C GLN C 19 18.95 11.59 -14.04
N LEU C 20 18.64 10.73 -15.01
CA LEU C 20 17.24 10.43 -15.31
C LEU C 20 16.56 9.73 -14.14
N ASP C 21 17.29 8.81 -13.48
CA ASP C 21 16.70 8.06 -12.38
C ASP C 21 16.39 8.95 -11.20
N GLN C 22 17.31 9.84 -10.83
CA GLN C 22 17.06 10.75 -9.72
C GLN C 22 15.92 11.70 -10.02
N THR C 23 15.82 12.17 -11.27
CA THR C 23 14.72 13.06 -11.64
C THR C 23 13.37 12.36 -11.45
N VAL C 24 13.29 11.10 -11.86
CA VAL C 24 12.05 10.35 -11.70
C VAL C 24 11.79 10.04 -10.24
N ILE C 25 12.83 9.58 -9.52
CA ILE C 25 12.65 9.16 -8.14
C ILE C 25 12.31 10.34 -7.24
N GLU C 26 13.04 11.45 -7.39
CA GLU C 26 12.80 12.61 -6.53
C GLU C 26 11.41 13.17 -6.73
N ALA C 27 10.95 13.27 -7.99
CA ALA C 27 9.60 13.74 -8.24
C ALA C 27 8.56 12.79 -7.68
N ALA C 28 8.89 11.49 -7.60
CA ALA C 28 7.97 10.54 -7.00
C ALA C 28 7.93 10.68 -5.48
N ARG C 29 9.11 10.85 -4.86
CA ARG C 29 9.16 10.95 -3.40
C ARG C 29 8.41 12.18 -2.90
N ARG C 30 8.47 13.28 -3.63
CA ARG C 30 7.77 14.50 -3.22
C ARG C 30 6.26 14.37 -3.28
N GLN C 31 5.73 13.39 -4.03
CA GLN C 31 4.30 13.25 -4.18
C GLN C 31 3.73 11.99 -3.55
N LEU C 32 4.56 11.01 -3.19
CA LEU C 32 4.07 9.76 -2.62
C LEU C 32 3.73 9.96 -1.16
N VAL C 33 2.44 9.86 -0.83
CA VAL C 33 1.96 10.00 0.53
C VAL C 33 1.69 8.64 1.17
N GLY C 34 1.14 7.70 0.41
CA GLY C 34 0.84 6.38 0.97
C GLY C 34 2.09 5.65 1.45
N ARG C 35 3.21 5.84 0.75
CA ARG C 35 4.44 5.17 1.13
C ARG C 35 5.00 5.68 2.45
N ARG C 36 4.50 6.81 2.95
CA ARG C 36 5.02 7.37 4.20
C ARG C 36 4.58 6.55 5.40
N PHE C 37 3.38 5.97 5.37
CA PHE C 37 2.85 5.25 6.51
C PHE C 37 2.47 3.81 6.20
N ILE C 38 2.83 3.30 5.02
CA ILE C 38 2.54 1.92 4.64
C ILE C 38 3.86 1.23 4.31
N GLU C 39 4.10 0.08 4.94
CA GLU C 39 5.33 -0.66 4.71
C GLU C 39 5.32 -1.27 3.31
N LEU C 40 6.53 -1.49 2.78
CA LEU C 40 6.72 -2.02 1.44
C LEU C 40 7.04 -3.50 1.53
N TYR C 41 6.26 -4.32 0.83
CA TYR C 41 6.45 -5.77 0.80
C TYR C 41 7.11 -6.12 -0.53
N GLY C 42 8.44 -6.05 -0.57
CA GLY C 42 9.16 -6.36 -1.77
C GLY C 42 10.53 -5.69 -1.83
N PRO C 43 11.05 -5.50 -3.04
CA PRO C 43 10.49 -5.86 -4.35
C PRO C 43 10.42 -7.37 -4.56
N LEU C 44 9.23 -7.88 -4.87
CA LEU C 44 9.04 -9.32 -5.02
C LEU C 44 9.82 -9.85 -6.21
N GLY C 45 9.85 -9.10 -7.31
CA GLY C 45 10.55 -9.51 -8.51
C GLY C 45 9.61 -9.67 -9.69
N ARG C 46 10.22 -9.91 -10.85
CA ARG C 46 9.45 -10.05 -12.08
C ARG C 46 8.61 -11.33 -12.10
N GLY C 47 8.93 -12.30 -11.25
CA GLY C 47 8.21 -13.56 -11.21
C GLY C 47 6.90 -13.54 -10.48
N MET C 48 6.52 -12.40 -9.89
CA MET C 48 5.28 -12.27 -9.15
C MET C 48 4.36 -11.34 -9.93
N GLN C 49 3.51 -11.92 -10.79
CA GLN C 49 2.54 -11.14 -11.53
C GLN C 49 1.22 -10.98 -10.79
N SER C 50 1.06 -11.65 -9.65
CA SER C 50 -0.14 -11.50 -8.83
C SER C 50 0.19 -11.97 -7.43
N VAL C 51 -0.38 -11.28 -6.44
CA VAL C 51 -0.08 -11.54 -5.03
C VAL C 51 -1.33 -12.07 -4.35
N PHE C 52 -1.12 -12.75 -3.23
CA PHE C 52 -2.20 -13.37 -2.46
C PHE C 52 -2.43 -12.57 -1.18
N ASN C 53 -3.68 -12.22 -0.92
CA ASN C 53 -4.05 -11.44 0.26
C ASN C 53 -4.96 -12.27 1.14
N ASP C 54 -4.62 -12.36 2.43
CA ASP C 54 -5.42 -13.07 3.42
C ASP C 54 -6.13 -12.04 4.28
N ILE C 55 -7.43 -11.90 4.10
CA ILE C 55 -8.23 -10.90 4.79
C ILE C 55 -8.70 -11.48 6.11
N PHE C 56 -8.34 -10.82 7.21
CA PHE C 56 -8.77 -11.23 8.55
C PHE C 56 -9.89 -10.31 9.00
N MET C 57 -11.10 -10.62 8.57
CA MET C 57 -12.26 -9.82 8.96
C MET C 57 -12.59 -10.03 10.44
N GLU C 58 -13.08 -8.97 11.06
CA GLU C 58 -13.47 -9.02 12.47
C GLU C 58 -14.95 -8.71 12.63
N SER C 111 -11.55 -15.59 8.11
CA SER C 111 -10.40 -15.41 7.21
C SER C 111 -10.76 -15.84 5.79
N ARG C 112 -10.51 -14.96 4.82
CA ARG C 112 -10.78 -15.23 3.42
C ARG C 112 -9.57 -14.82 2.61
N ARG C 113 -9.16 -15.68 1.67
CA ARG C 113 -8.01 -15.42 0.81
C ARG C 113 -8.49 -14.91 -0.54
N VAL C 114 -7.93 -13.79 -0.97
CA VAL C 114 -8.28 -13.17 -2.24
C VAL C 114 -7.01 -13.02 -3.08
N ASN C 115 -7.12 -13.34 -4.36
CA ASN C 115 -6.00 -13.21 -5.30
C ASN C 115 -6.08 -11.84 -5.97
N TYR C 116 -5.03 -11.05 -5.79
CA TYR C 116 -4.94 -9.71 -6.36
C TYR C 116 -3.93 -9.73 -7.50
N THR C 117 -4.35 -9.25 -8.67
CA THR C 117 -3.47 -9.11 -9.82
C THR C 117 -2.75 -7.78 -9.70
N ILE C 118 -1.42 -7.82 -9.74
CA ILE C 118 -0.61 -6.62 -9.55
C ILE C 118 -0.79 -5.71 -10.76
N PRO C 119 -1.31 -4.50 -10.59
CA PRO C 119 -1.47 -3.59 -11.72
C PRO C 119 -0.14 -2.96 -12.12
N MET C 120 -0.09 -2.53 -13.37
CA MET C 120 1.07 -1.83 -13.92
C MET C 120 0.66 -0.40 -14.21
N LEU C 121 1.27 0.55 -13.52
CA LEU C 121 1.02 1.97 -13.70
C LEU C 121 2.20 2.59 -14.42
N TYR C 122 1.93 3.35 -15.49
CA TYR C 122 2.99 3.88 -16.32
C TYR C 122 2.58 5.21 -16.92
N LYS C 123 3.57 5.97 -17.35
CA LYS C 123 3.37 7.20 -18.10
C LYS C 123 4.54 7.37 -19.05
N ASP C 124 4.27 7.89 -20.25
CA ASP C 124 5.26 7.95 -21.31
C ASP C 124 5.67 9.40 -21.56
N PHE C 125 6.97 9.61 -21.70
CA PHE C 125 7.52 10.90 -22.11
C PHE C 125 8.57 10.68 -23.19
N VAL C 126 8.79 11.70 -24.02
CA VAL C 126 9.64 11.60 -25.19
C VAL C 126 10.73 12.66 -25.10
N LEU C 127 11.97 12.25 -25.30
CA LEU C 127 13.11 13.15 -25.41
C LEU C 127 13.47 13.32 -26.88
N TYR C 128 13.52 14.56 -27.34
CA TYR C 128 13.76 14.85 -28.75
C TYR C 128 15.24 14.76 -29.06
N TRP C 129 15.57 14.15 -30.20
CA TRP C 129 16.97 13.92 -30.55
C TRP C 129 17.71 15.23 -30.79
N ARG C 130 17.03 16.24 -31.34
CA ARG C 130 17.66 17.53 -31.53
C ARG C 130 18.06 18.15 -30.20
N ASP C 131 17.20 18.03 -29.19
CA ASP C 131 17.52 18.55 -27.87
C ASP C 131 18.70 17.82 -27.26
N LEU C 132 18.74 16.49 -27.38
CA LEU C 132 19.84 15.72 -26.82
C LEU C 132 21.15 16.05 -27.51
N GLU C 133 21.12 16.21 -28.84
CA GLU C 133 22.33 16.56 -29.57
C GLU C 133 22.77 17.98 -29.27
N GLN C 134 21.81 18.91 -29.13
CA GLN C 134 22.14 20.29 -28.81
C GLN C 134 22.80 20.39 -27.43
N SER C 135 22.23 19.70 -26.44
CA SER C 135 22.81 19.72 -25.10
C SER C 135 24.18 19.05 -25.10
N LYS C 136 24.32 17.94 -25.83
CA LYS C 136 25.60 17.25 -25.89
C LYS C 136 26.68 18.12 -26.53
N ALA C 137 26.32 18.84 -27.59
CA ALA C 137 27.30 19.69 -28.26
C ALA C 137 27.75 20.84 -27.37
N LEU C 138 26.83 21.42 -26.61
CA LEU C 138 27.12 22.58 -25.78
C LEU C 138 27.59 22.21 -24.37
N ASP C 139 27.75 20.92 -24.08
CA ASP C 139 28.16 20.46 -22.76
C ASP C 139 27.21 20.94 -21.66
N ILE C 140 25.91 20.86 -21.95
CA ILE C 140 24.87 21.26 -21.01
C ILE C 140 24.14 20.01 -20.56
N PRO C 141 23.84 19.86 -19.26
CA PRO C 141 23.09 18.68 -18.81
C PRO C 141 21.73 18.60 -19.48
N ILE C 142 21.29 17.37 -19.75
CA ILE C 142 20.04 17.14 -20.46
C ILE C 142 18.87 17.60 -19.60
N ASP C 143 17.88 18.21 -20.24
CA ASP C 143 16.68 18.68 -19.54
C ASP C 143 15.69 17.54 -19.44
N PHE C 144 15.54 17.00 -18.23
CA PHE C 144 14.64 15.89 -17.96
C PHE C 144 13.33 16.36 -17.32
N SER C 145 12.85 17.54 -17.75
CA SER C 145 11.63 18.08 -17.17
C SER C 145 10.44 17.18 -17.46
N VAL C 146 10.35 16.66 -18.69
CA VAL C 146 9.23 15.79 -19.05
C VAL C 146 9.25 14.52 -18.20
N ALA C 147 10.44 14.08 -17.80
CA ALA C 147 10.53 12.92 -16.92
C ALA C 147 9.87 13.17 -15.58
N ALA C 148 10.09 14.36 -15.01
CA ALA C 148 9.47 14.69 -13.73
C ALA C 148 7.95 14.74 -13.86
N ASN C 149 7.45 15.27 -14.98
CA ASN C 149 6.01 15.29 -15.20
C ASN C 149 5.45 13.87 -15.29
N ALA C 150 6.16 12.97 -15.97
CA ALA C 150 5.71 11.58 -16.04
C ALA C 150 5.78 10.91 -14.68
N ALA C 151 6.86 11.14 -13.93
CA ALA C 151 7.00 10.52 -12.62
C ALA C 151 5.94 11.03 -11.65
N ARG C 152 5.63 12.32 -11.72
CA ARG C 152 4.60 12.88 -10.85
C ARG C 152 3.24 12.29 -11.15
N ASP C 153 2.95 12.05 -12.43
CA ASP C 153 1.66 11.46 -12.80
C ASP C 153 1.53 10.03 -12.28
N VAL C 154 2.60 9.25 -12.37
CA VAL C 154 2.55 7.89 -11.86
C VAL C 154 2.42 7.88 -10.34
N ALA C 155 3.09 8.82 -9.66
CA ALA C 155 2.97 8.90 -8.21
C ALA C 155 1.54 9.22 -7.79
N PHE C 156 0.86 10.09 -8.54
CA PHE C 156 -0.55 10.36 -8.26
C PHE C 156 -1.40 9.13 -8.54
N LEU C 157 -1.05 8.35 -9.55
CA LEU C 157 -1.81 7.13 -9.85
C LEU C 157 -1.70 6.12 -8.72
N GLU C 158 -0.50 5.96 -8.16
CA GLU C 158 -0.33 5.04 -7.03
C GLU C 158 -1.13 5.50 -5.83
N ASP C 159 -1.11 6.80 -5.53
CA ASP C 159 -1.88 7.32 -4.42
C ASP C 159 -3.38 7.17 -4.67
N GLN C 160 -3.81 7.39 -5.90
CA GLN C 160 -5.23 7.22 -6.22
C GLN C 160 -5.65 5.75 -6.09
N MET C 161 -4.75 4.83 -6.44
CA MET C 161 -5.07 3.42 -6.31
C MET C 161 -5.05 2.97 -4.86
N ILE C 162 -4.17 3.56 -4.05
CA ILE C 162 -4.09 3.17 -2.65
C ILE C 162 -5.36 3.58 -1.89
N PHE C 163 -5.87 4.77 -2.17
CA PHE C 163 -6.99 5.30 -1.40
C PHE C 163 -8.34 4.89 -1.97
N HIS C 164 -8.56 5.11 -3.27
CA HIS C 164 -9.84 4.83 -3.90
C HIS C 164 -9.86 3.50 -4.65
N GLY C 165 -8.82 2.69 -4.50
CA GLY C 165 -8.79 1.37 -5.11
C GLY C 165 -8.59 1.44 -6.61
N SER C 166 -8.75 0.29 -7.25
CA SER C 166 -8.64 0.16 -8.70
C SER C 166 -9.81 -0.69 -9.19
N LYS C 167 -10.80 -0.04 -9.80
CA LYS C 167 -11.99 -0.73 -10.26
C LYS C 167 -11.69 -1.74 -11.37
N GLU C 168 -10.60 -1.55 -12.12
CA GLU C 168 -10.28 -2.45 -13.21
C GLU C 168 -9.98 -3.86 -12.71
N PHE C 169 -9.20 -3.96 -11.64
CA PHE C 169 -8.84 -5.26 -11.07
C PHE C 169 -9.55 -5.54 -9.76
N ASP C 170 -10.52 -4.70 -9.38
CA ASP C 170 -11.31 -4.89 -8.16
C ASP C 170 -10.43 -4.98 -6.92
N ILE C 171 -9.40 -4.15 -6.86
CA ILE C 171 -8.53 -4.05 -5.69
C ILE C 171 -9.09 -2.96 -4.78
N PRO C 172 -9.45 -3.27 -3.53
CA PRO C 172 -10.01 -2.24 -2.65
C PRO C 172 -8.95 -1.24 -2.21
N GLY C 173 -9.43 -0.06 -1.83
CA GLY C 173 -8.59 0.98 -1.30
C GLY C 173 -8.86 1.25 0.18
N LEU C 174 -8.17 2.25 0.70
CA LEU C 174 -8.35 2.63 2.10
C LEU C 174 -9.77 3.11 2.36
N MET C 175 -10.33 3.89 1.44
CA MET C 175 -11.68 4.42 1.58
C MET C 175 -12.74 3.55 0.94
N ASN C 176 -12.36 2.40 0.38
CA ASN C 176 -13.30 1.56 -0.35
C ASN C 176 -13.36 0.12 0.14
N VAL C 177 -12.44 -0.31 1.00
CA VAL C 177 -12.40 -1.71 1.41
C VAL C 177 -13.60 -2.04 2.27
N LYS C 178 -14.16 -3.22 2.09
CA LYS C 178 -15.26 -3.69 2.93
C LYS C 178 -14.72 -4.11 4.29
N GLY C 179 -15.53 -3.89 5.32
CA GLY C 179 -15.15 -4.18 6.68
C GLY C 179 -14.47 -3.05 7.41
N ARG C 180 -14.21 -1.93 6.74
CA ARG C 180 -13.63 -0.77 7.40
C ARG C 180 -14.66 -0.12 8.33
N LEU C 181 -14.17 0.66 9.28
CA LEU C 181 -15.02 1.41 10.18
C LEU C 181 -15.31 2.79 9.61
N THR C 182 -16.56 3.22 9.73
CA THR C 182 -17.01 4.50 9.19
C THR C 182 -17.40 5.42 10.34
N HIS C 183 -16.90 6.66 10.30
CA HIS C 183 -17.23 7.67 11.29
C HIS C 183 -17.77 8.89 10.57
N LEU C 184 -18.96 9.33 10.97
CA LEU C 184 -19.60 10.51 10.38
C LEU C 184 -19.17 11.73 11.17
N ILE C 185 -18.29 12.54 10.57
CA ILE C 185 -17.74 13.72 11.25
C ILE C 185 -18.76 14.84 11.27
N GLY C 186 -18.53 15.85 12.12
CA GLY C 186 -19.37 17.00 12.21
C GLY C 186 -18.78 18.21 11.51
N ASN C 187 -19.28 19.39 11.88
CA ASN C 187 -18.81 20.64 11.31
C ASN C 187 -17.45 20.98 11.93
N TRP C 188 -16.38 20.74 11.17
CA TRP C 188 -15.04 21.02 11.66
C TRP C 188 -14.73 22.51 11.72
N TYR C 189 -15.56 23.34 11.09
CA TYR C 189 -15.36 24.79 11.19
C TYR C 189 -15.55 25.28 12.62
N GLU C 190 -16.54 24.72 13.32
CA GLU C 190 -16.71 25.02 14.74
C GLU C 190 -15.57 24.41 15.55
N SER C 191 -15.25 25.05 16.66
CA SER C 191 -14.13 24.62 17.47
C SER C 191 -14.46 23.35 18.24
N GLY C 192 -13.43 22.57 18.53
CA GLY C 192 -13.57 21.35 19.30
C GLY C 192 -14.05 20.14 18.53
N ASN C 193 -14.86 20.35 17.47
CA ASN C 193 -15.40 19.22 16.72
C ASN C 193 -14.31 18.42 16.03
N ALA C 194 -13.28 19.11 15.53
CA ALA C 194 -12.22 18.44 14.77
C ALA C 194 -11.47 17.45 15.66
N PHE C 195 -11.12 17.85 16.87
CA PHE C 195 -10.39 16.95 17.76
C PHE C 195 -11.29 15.83 18.27
N GLN C 196 -12.54 16.15 18.61
CA GLN C 196 -13.43 15.13 19.16
C GLN C 196 -13.74 14.05 18.15
N ASP C 197 -14.02 14.44 16.90
CA ASP C 197 -14.36 13.44 15.89
C ASP C 197 -13.21 12.48 15.64
N ILE C 198 -11.97 12.95 15.80
CA ILE C 198 -10.83 12.05 15.71
C ILE C 198 -10.79 11.12 16.91
N VAL C 199 -11.16 11.63 18.10
CA VAL C 199 -11.14 10.80 19.30
C VAL C 199 -12.15 9.67 19.19
N GLU C 200 -13.37 9.96 18.72
CA GLU C 200 -14.35 8.90 18.53
C GLU C 200 -13.90 7.91 17.46
N ALA C 201 -13.28 8.41 16.39
CA ALA C 201 -12.76 7.52 15.37
C ALA C 201 -11.65 6.64 15.93
N ARG C 202 -10.76 7.21 16.74
CA ARG C 202 -9.73 6.40 17.40
C ARG C 202 -10.34 5.43 18.40
N ASN C 203 -11.41 5.85 19.09
CA ASN C 203 -12.09 4.94 20.01
C ASN C 203 -12.69 3.76 19.26
N LYS C 204 -13.22 4.00 18.06
CA LYS C 204 -13.73 2.92 17.24
C LYS C 204 -12.64 1.90 16.92
N LEU C 205 -11.43 2.38 16.61
CA LEU C 205 -10.31 1.48 16.38
C LEU C 205 -9.88 0.80 17.66
N LEU C 206 -9.94 1.51 18.79
CA LEU C 206 -9.59 0.92 20.08
C LEU C 206 -10.56 -0.20 20.44
N GLU C 207 -11.85 0.01 20.20
CA GLU C 207 -12.83 -1.02 20.51
C GLU C 207 -12.62 -2.26 19.65
N MET C 208 -12.09 -2.08 18.44
CA MET C 208 -11.81 -3.19 17.55
C MET C 208 -10.44 -3.80 17.76
N ASN C 209 -9.87 -3.63 18.96
CA ASN C 209 -8.62 -4.28 19.36
C ASN C 209 -7.43 -3.80 18.52
N HIS C 210 -7.45 -2.53 18.14
CA HIS C 210 -6.33 -1.89 17.45
C HIS C 210 -5.91 -0.67 18.26
N ASN C 211 -4.72 -0.75 18.86
CA ASN C 211 -4.25 0.25 19.81
C ASN C 211 -3.09 1.07 19.28
N GLY C 212 -3.00 1.25 17.97
CA GLY C 212 -1.99 2.09 17.37
C GLY C 212 -0.72 1.33 17.01
N PRO C 213 0.26 2.04 16.45
CA PRO C 213 0.27 3.48 16.13
C PRO C 213 -0.62 3.80 14.94
N TYR C 214 -1.34 4.91 14.98
CA TYR C 214 -2.25 5.29 13.92
C TYR C 214 -1.60 6.28 12.97
N ALA C 215 -2.10 6.32 11.75
CA ALA C 215 -1.71 7.30 10.76
C ALA C 215 -2.96 7.95 10.20
N LEU C 216 -3.02 9.27 10.22
CA LEU C 216 -4.19 10.02 9.79
C LEU C 216 -3.85 10.75 8.50
N VAL C 217 -4.64 10.51 7.45
CA VAL C 217 -4.49 11.20 6.17
C VAL C 217 -5.79 11.94 5.91
N LEU C 218 -5.70 13.24 5.71
CA LEU C 218 -6.86 14.09 5.52
C LEU C 218 -6.82 14.76 4.15
N SER C 219 -7.99 15.19 3.69
CA SER C 219 -8.06 16.00 2.50
C SER C 219 -7.35 17.32 2.73
N PRO C 220 -6.82 17.96 1.68
CA PRO C 220 -6.05 19.19 1.89
C PRO C 220 -6.82 20.28 2.60
N GLU C 221 -8.14 20.38 2.34
CA GLU C 221 -8.95 21.37 3.03
C GLU C 221 -9.08 21.05 4.52
N LEU C 222 -9.31 19.77 4.84
CA LEU C 222 -9.47 19.39 6.24
C LEU C 222 -8.15 19.49 7.00
N TYR C 223 -7.03 19.22 6.33
CA TYR C 223 -5.73 19.32 6.98
C TYR C 223 -5.46 20.74 7.46
N SER C 224 -5.82 21.73 6.64
CA SER C 224 -5.67 23.13 7.05
C SER C 224 -6.58 23.46 8.22
N LEU C 225 -7.82 22.94 8.19
CA LEU C 225 -8.76 23.22 9.28
C LEU C 225 -8.26 22.70 10.61
N LEU C 226 -7.42 21.67 10.60
CA LEU C 226 -6.83 21.15 11.83
C LEU C 226 -5.81 22.09 12.44
N HIS C 227 -5.42 23.15 11.74
CA HIS C 227 -4.45 24.11 12.25
C HIS C 227 -5.09 25.16 13.15
N ARG C 228 -6.41 25.11 13.35
CA ARG C 228 -7.07 26.06 14.23
C ARG C 228 -6.64 25.83 15.67
N VAL C 229 -6.94 26.81 16.52
CA VAL C 229 -6.62 26.73 17.94
C VAL C 229 -7.79 26.10 18.68
N HIS C 230 -7.47 25.36 19.74
CA HIS C 230 -8.50 24.68 20.52
C HIS C 230 -9.29 25.70 21.35
N LYS C 231 -10.57 25.40 21.55
CA LYS C 231 -11.47 26.37 22.17
C LYS C 231 -11.04 26.71 23.59
N ASP C 232 -10.67 25.70 24.37
CA ASP C 232 -10.30 25.90 25.77
C ASP C 232 -8.80 25.81 26.02
N THR C 233 -8.12 24.85 25.41
CA THR C 233 -6.70 24.65 25.70
C THR C 233 -5.83 25.77 25.16
N ASN C 234 -6.34 26.56 24.22
CA ASN C 234 -5.58 27.65 23.59
C ASN C 234 -4.30 27.12 22.94
N VAL C 235 -4.36 25.91 22.41
CA VAL C 235 -3.26 25.30 21.67
C VAL C 235 -3.83 24.79 20.35
N LEU C 236 -3.01 24.83 19.30
CA LEU C 236 -3.46 24.37 17.99
C LEU C 236 -3.89 22.92 18.05
N GLU C 237 -4.99 22.61 17.36
CA GLU C 237 -5.53 21.25 17.39
C GLU C 237 -4.58 20.24 16.75
N ILE C 238 -3.66 20.70 15.90
CA ILE C 238 -2.77 19.76 15.22
C ILE C 238 -1.82 19.08 16.19
N GLU C 239 -1.36 19.80 17.22
CA GLU C 239 -0.45 19.16 18.18
C GLU C 239 -1.19 18.20 19.10
N HIS C 240 -2.46 18.50 19.40
CA HIS C 240 -3.28 17.53 20.12
C HIS C 240 -3.49 16.27 19.30
N VAL C 241 -3.74 16.44 18.00
CA VAL C 241 -3.93 15.28 17.12
C VAL C 241 -2.63 14.53 16.94
N ARG C 242 -1.51 15.26 16.83
CA ARG C 242 -0.22 14.60 16.61
C ARG C 242 0.19 13.75 17.80
N GLU C 243 -0.26 14.11 19.01
CA GLU C 243 0.04 13.28 20.17
C GLU C 243 -0.81 12.01 20.18
N LEU C 244 -2.02 12.08 19.64
CA LEU C 244 -2.86 10.89 19.51
C LEU C 244 -2.43 10.00 18.35
N ILE C 245 -1.96 10.61 17.27
CA ILE C 245 -1.58 9.90 16.05
C ILE C 245 -0.07 10.10 15.89
N THR C 246 0.70 9.09 16.25
CA THR C 246 2.16 9.23 16.33
C THR C 246 2.88 8.84 15.05
N ALA C 247 2.20 8.23 14.08
CA ALA C 247 2.84 7.89 12.82
C ALA C 247 2.80 9.03 11.82
N GLY C 248 2.17 10.14 12.16
CA GLY C 248 2.17 11.32 11.31
C GLY C 248 0.79 11.61 10.76
N VAL C 249 0.46 12.90 10.70
CA VAL C 249 -0.77 13.38 10.07
C VAL C 249 -0.39 13.93 8.70
N PHE C 250 -0.93 13.32 7.65
CA PHE C 250 -0.58 13.65 6.28
C PHE C 250 -1.78 14.25 5.57
N GLN C 251 -1.51 14.80 4.39
CA GLN C 251 -2.53 15.35 3.51
C GLN C 251 -2.29 14.84 2.10
N SER C 252 -3.38 14.66 1.35
CA SER C 252 -3.26 14.13 0.02
C SER C 252 -4.32 14.74 -0.89
N PRO C 253 -3.95 15.18 -2.09
CA PRO C 253 -4.96 15.75 -3.00
C PRO C 253 -5.99 14.75 -3.48
N VAL C 254 -5.74 13.44 -3.30
CA VAL C 254 -6.68 12.44 -3.79
C VAL C 254 -8.02 12.55 -3.06
N LEU C 255 -8.01 12.88 -1.77
CA LEU C 255 -9.23 13.02 -1.01
C LEU C 255 -9.86 14.38 -1.27
N LYS C 256 -11.15 14.39 -1.57
CA LYS C 256 -11.87 15.58 -1.97
C LYS C 256 -12.93 15.94 -0.94
N GLY C 257 -13.00 17.23 -0.58
CA GLY C 257 -14.01 17.67 0.35
C GLY C 257 -13.69 17.25 1.77
N LYS C 258 -14.74 17.07 2.57
CA LYS C 258 -14.61 16.65 3.97
C LYS C 258 -14.39 15.14 3.98
N SER C 259 -13.14 14.72 3.85
CA SER C 259 -12.81 13.30 3.83
C SER C 259 -11.47 13.06 4.51
N GLY C 260 -11.31 11.85 5.02
CA GLY C 260 -10.08 11.47 5.71
C GLY C 260 -10.15 10.01 6.08
N VAL C 261 -9.03 9.51 6.60
CA VAL C 261 -8.92 8.12 6.98
C VAL C 261 -7.89 7.98 8.09
N ILE C 262 -8.19 7.13 9.07
CA ILE C 262 -7.26 6.78 10.13
C ILE C 262 -6.86 5.32 9.93
N VAL C 263 -5.56 5.08 9.83
CA VAL C 263 -5.03 3.76 9.49
C VAL C 263 -4.10 3.31 10.60
N ASN C 264 -4.30 2.09 11.07
CA ASN C 264 -3.41 1.49 12.08
C ASN C 264 -2.18 0.96 11.37
N THR C 265 -1.05 1.65 11.53
CA THR C 265 0.18 1.27 10.84
C THR C 265 0.68 -0.08 11.33
N GLY C 266 1.28 -0.83 10.42
CA GLY C 266 1.81 -2.15 10.75
C GLY C 266 1.75 -3.10 9.58
N ARG C 267 2.77 -3.95 9.44
CA ARG C 267 2.79 -4.91 8.34
C ARG C 267 1.63 -5.89 8.43
N ASN C 268 1.31 -6.33 9.65
CA ASN C 268 0.22 -7.27 9.83
C ASN C 268 -1.14 -6.65 9.53
N ASN C 269 -1.23 -5.33 9.46
CA ASN C 269 -2.49 -4.65 9.18
C ASN C 269 -2.65 -4.35 7.69
N LEU C 270 -1.64 -3.74 7.09
CA LEU C 270 -1.67 -3.43 5.66
C LEU C 270 -0.25 -3.15 5.19
N ASP C 271 0.01 -3.44 3.92
CA ASP C 271 1.32 -3.20 3.34
C ASP C 271 1.19 -3.03 1.83
N LEU C 272 2.23 -2.51 1.21
CA LEU C 272 2.31 -2.32 -0.22
C LEU C 272 3.14 -3.45 -0.81
N ALA C 273 2.53 -4.24 -1.69
CA ALA C 273 3.21 -5.33 -2.36
C ALA C 273 3.66 -4.84 -3.73
N ILE C 274 4.97 -4.62 -3.88
CA ILE C 274 5.54 -4.12 -5.12
C ILE C 274 6.46 -5.18 -5.70
N SER C 275 6.40 -5.34 -7.01
CA SER C 275 7.33 -6.20 -7.73
C SER C 275 8.41 -5.40 -8.47
N GLU C 276 8.12 -4.15 -8.79
CA GLU C 276 9.11 -3.27 -9.41
C GLU C 276 8.82 -1.84 -8.95
N ASP C 277 9.82 -1.19 -8.37
CA ASP C 277 9.68 0.18 -7.89
C ASP C 277 9.67 1.13 -9.08
N PHE C 278 9.71 2.43 -8.82
CA PHE C 278 9.72 3.41 -9.89
C PHE C 278 10.91 3.17 -10.82
N GLU C 279 10.63 2.73 -12.04
CA GLU C 279 11.65 2.39 -13.00
C GLU C 279 11.37 3.08 -14.32
N THR C 280 12.42 3.60 -14.96
CA THR C 280 12.32 4.25 -16.26
C THR C 280 12.85 3.28 -17.30
N ALA C 281 11.98 2.84 -18.21
CA ALA C 281 12.35 1.90 -19.26
C ALA C 281 12.35 2.63 -20.60
N TYR C 282 13.42 2.45 -21.36
CA TYR C 282 13.54 3.08 -22.67
C TYR C 282 12.76 2.27 -23.69
N LEU C 283 11.70 2.87 -24.23
CA LEU C 283 10.97 2.26 -25.33
C LEU C 283 11.82 2.35 -26.58
N GLY C 284 11.37 1.69 -27.66
CA GLY C 284 12.12 1.73 -28.90
C GLY C 284 12.13 3.14 -29.49
N GLU C 285 13.23 3.47 -30.16
CA GLU C 285 13.33 4.75 -30.84
C GLU C 285 12.37 4.81 -32.01
N GLU C 286 11.54 5.84 -32.05
CA GLU C 286 10.50 5.98 -33.07
C GLU C 286 10.56 7.38 -33.66
N GLY C 287 10.61 7.45 -34.99
CA GLY C 287 10.63 8.74 -35.67
C GLY C 287 11.81 9.61 -35.31
N MET C 288 12.98 9.00 -35.11
CA MET C 288 14.24 9.63 -34.72
C MET C 288 14.21 10.18 -33.30
N ASN C 289 13.07 10.12 -32.61
CA ASN C 289 12.96 10.58 -31.24
C ASN C 289 13.05 9.41 -30.27
N HIS C 290 13.23 9.73 -28.99
CA HIS C 290 13.44 8.72 -27.96
C HIS C 290 12.32 8.77 -26.93
N PRO C 291 11.31 7.90 -27.03
CA PRO C 291 10.26 7.87 -26.02
C PRO C 291 10.61 6.92 -24.88
N PHE C 292 10.34 7.37 -23.66
CA PHE C 292 10.60 6.59 -22.46
C PHE C 292 9.29 6.26 -21.77
N ARG C 293 9.38 5.49 -20.69
CA ARG C 293 8.22 5.10 -19.91
C ARG C 293 8.63 4.92 -18.47
N VAL C 294 7.96 5.64 -17.57
CA VAL C 294 8.15 5.50 -16.13
C VAL C 294 7.04 4.61 -15.62
N TYR C 295 7.38 3.40 -15.20
CA TYR C 295 6.39 2.40 -14.83
C TYR C 295 6.70 1.84 -13.46
N GLU C 296 5.68 1.25 -12.85
CA GLU C 296 5.83 0.54 -11.59
C GLU C 296 4.66 -0.43 -11.43
N THR C 297 4.89 -1.49 -10.67
CA THR C 297 3.91 -2.54 -10.43
C THR C 297 3.70 -2.67 -8.93
N VAL C 298 2.59 -2.13 -8.43
CA VAL C 298 2.33 -2.06 -7.00
C VAL C 298 0.86 -2.40 -6.76
N VAL C 299 0.61 -3.20 -5.73
CA VAL C 299 -0.74 -3.52 -5.29
C VAL C 299 -0.79 -3.37 -3.77
N LEU C 300 -1.93 -2.91 -3.27
CA LEU C 300 -2.12 -2.66 -1.85
C LEU C 300 -2.93 -3.80 -1.24
N ARG C 301 -2.41 -4.40 -0.17
CA ARG C 301 -3.07 -5.48 0.53
C ARG C 301 -3.52 -5.00 1.90
N ILE C 302 -4.81 -5.11 2.17
CA ILE C 302 -5.36 -4.75 3.48
C ILE C 302 -5.71 -6.03 4.22
N LYS C 303 -4.78 -6.51 5.05
CA LYS C 303 -4.98 -7.78 5.74
C LYS C 303 -6.06 -7.68 6.80
N ARG C 304 -6.13 -6.54 7.50
CA ARG C 304 -7.12 -6.31 8.56
C ARG C 304 -7.96 -5.10 8.18
N PRO C 305 -9.10 -5.29 7.52
CA PRO C 305 -9.93 -4.15 7.14
C PRO C 305 -10.43 -3.34 8.33
N ALA C 306 -10.64 -3.98 9.47
CA ALA C 306 -11.14 -3.28 10.65
C ALA C 306 -10.13 -2.31 11.23
N ALA C 307 -8.86 -2.37 10.78
CA ALA C 307 -7.84 -1.45 11.24
C ALA C 307 -7.86 -0.13 10.51
N ILE C 308 -8.88 0.13 9.68
CA ILE C 308 -8.99 1.35 8.90
C ILE C 308 -10.29 2.03 9.28
N CYS C 309 -10.19 3.27 9.76
CA CYS C 309 -11.35 4.09 10.08
C CYS C 309 -11.40 5.27 9.13
N THR C 310 -12.52 5.44 8.45
CA THR C 310 -12.69 6.48 7.43
C THR C 310 -13.63 7.55 7.96
N LEU C 311 -13.21 8.81 7.81
CA LEU C 311 -14.03 9.96 8.20
C LEU C 311 -14.83 10.41 6.99
N ILE C 312 -16.16 10.30 7.08
CA ILE C 312 -17.05 10.53 5.95
C ILE C 312 -17.98 11.68 6.28
N ASP C 313 -18.09 12.63 5.36
CA ASP C 313 -18.98 13.77 5.52
C ASP C 313 -20.43 13.32 5.33
N PRO C 314 -21.31 13.51 6.31
CA PRO C 314 -22.73 13.15 6.15
C PRO C 314 -23.44 14.07 5.15
N ASN D 2 39.32 34.87 -13.80
CA ASN D 2 39.35 35.89 -12.77
C ASN D 2 38.90 37.24 -13.30
N LYS D 3 38.17 37.99 -12.47
CA LYS D 3 37.72 39.31 -12.89
C LYS D 3 38.85 40.33 -12.88
N SER D 4 39.93 40.05 -12.15
CA SER D 4 41.08 40.95 -12.15
C SER D 4 41.76 40.97 -13.52
N GLN D 5 42.06 39.79 -14.07
CA GLN D 5 42.69 39.70 -15.37
C GLN D 5 41.74 39.98 -16.51
N LEU D 6 40.43 39.77 -16.31
CA LEU D 6 39.47 40.01 -17.37
C LEU D 6 39.22 41.50 -17.58
N TYR D 7 39.44 42.32 -16.56
CA TYR D 7 39.37 43.78 -16.67
C TYR D 7 40.68 44.35 -16.12
N PRO D 8 41.75 44.32 -16.91
CA PRO D 8 43.03 44.84 -16.42
C PRO D 8 43.00 46.31 -16.06
N ASP D 9 42.12 47.08 -16.68
CA ASP D 9 42.02 48.52 -16.44
C ASP D 9 41.06 48.86 -15.30
N SER D 10 40.45 47.87 -14.67
CA SER D 10 39.53 48.15 -13.57
C SER D 10 40.29 48.71 -12.37
N PRO D 11 39.79 49.80 -11.77
CA PRO D 11 40.45 50.32 -10.57
C PRO D 11 40.34 49.40 -9.37
N LEU D 12 39.26 48.63 -9.29
CA LEU D 12 39.07 47.73 -8.17
C LEU D 12 40.08 46.58 -8.24
N THR D 13 40.57 46.17 -7.07
CA THR D 13 41.52 45.07 -7.00
C THR D 13 40.76 43.74 -7.05
N ASP D 14 41.48 42.64 -6.85
CA ASP D 14 40.83 41.33 -6.85
C ASP D 14 39.84 41.21 -5.70
N GLN D 15 40.22 41.67 -4.51
CA GLN D 15 39.32 41.58 -3.36
C GLN D 15 38.14 42.52 -3.49
N ASP D 16 38.36 43.70 -4.09
CA ASP D 16 37.28 44.66 -4.24
C ASP D 16 36.19 44.13 -5.18
N PHE D 17 36.60 43.41 -6.23
CA PHE D 17 35.62 42.79 -7.11
C PHE D 17 34.82 41.72 -6.36
N ASN D 18 35.48 40.97 -5.48
CA ASN D 18 34.76 39.98 -4.68
C ASN D 18 33.72 40.64 -3.78
N GLN D 19 34.08 41.75 -3.15
CA GLN D 19 33.11 42.50 -2.36
C GLN D 19 32.00 43.07 -3.23
N LEU D 20 32.37 43.56 -4.42
CA LEU D 20 31.36 44.07 -5.35
C LEU D 20 30.44 42.96 -5.84
N ASP D 21 30.99 41.78 -6.12
CA ASP D 21 30.16 40.66 -6.51
C ASP D 21 29.24 40.22 -5.38
N GLN D 22 29.77 40.18 -4.15
CA GLN D 22 28.95 39.78 -3.01
C GLN D 22 27.81 40.76 -2.78
N THR D 23 28.09 42.05 -2.93
CA THR D 23 27.03 43.06 -2.75
C THR D 23 25.93 42.89 -3.78
N VAL D 24 26.32 42.66 -5.05
CA VAL D 24 25.33 42.48 -6.10
C VAL D 24 24.52 41.21 -5.87
N ILE D 25 25.19 40.12 -5.49
CA ILE D 25 24.50 38.85 -5.29
C ILE D 25 23.51 38.96 -4.12
N GLU D 26 23.96 39.52 -3.00
CA GLU D 26 23.08 39.62 -1.83
C GLU D 26 21.89 40.53 -2.11
N ALA D 27 22.13 41.68 -2.75
CA ALA D 27 21.03 42.60 -3.03
C ALA D 27 20.04 41.98 -4.00
N ALA D 28 20.53 41.25 -5.00
CA ALA D 28 19.63 40.60 -5.95
C ALA D 28 18.84 39.48 -5.28
N ARG D 29 19.52 38.63 -4.49
CA ARG D 29 18.85 37.50 -3.88
C ARG D 29 17.74 37.95 -2.92
N ARG D 30 18.01 39.00 -2.14
CA ARG D 30 17.01 39.49 -1.21
C ARG D 30 15.80 40.08 -1.94
N GLN D 31 16.04 40.74 -3.07
CA GLN D 31 14.98 41.45 -3.78
C GLN D 31 14.28 40.60 -4.82
N LEU D 32 14.69 39.35 -5.01
CA LEU D 32 14.12 38.48 -6.04
C LEU D 32 13.03 37.62 -5.44
N VAL D 33 11.82 37.71 -6.02
CA VAL D 33 10.70 36.90 -5.58
C VAL D 33 10.39 35.77 -6.55
N GLY D 34 10.69 35.92 -7.83
CA GLY D 34 10.42 34.85 -8.77
C GLY D 34 11.26 33.62 -8.54
N ARG D 35 12.54 33.80 -8.24
CA ARG D 35 13.44 32.67 -8.06
C ARG D 35 13.17 31.89 -6.78
N ARG D 36 12.35 32.41 -5.88
CA ARG D 36 12.03 31.68 -4.66
C ARG D 36 11.26 30.40 -4.96
N PHE D 37 10.30 30.47 -5.89
CA PHE D 37 9.45 29.33 -6.19
C PHE D 37 9.57 28.85 -7.63
N ILE D 38 10.42 29.46 -8.45
CA ILE D 38 10.62 29.06 -9.83
C ILE D 38 12.07 28.58 -9.98
N GLU D 39 12.24 27.35 -10.45
CA GLU D 39 13.56 26.76 -10.54
C GLU D 39 14.31 27.31 -11.75
N LEU D 40 15.64 27.15 -11.72
CA LEU D 40 16.52 27.65 -12.76
C LEU D 40 16.93 26.51 -13.68
N TYR D 41 16.90 26.77 -14.99
CA TYR D 41 17.36 25.78 -15.95
C TYR D 41 18.87 25.87 -16.10
N GLY D 42 19.58 25.84 -14.98
CA GLY D 42 21.02 25.82 -14.96
C GLY D 42 21.64 27.04 -15.61
N PRO D 43 22.98 27.14 -15.54
CA PRO D 43 23.69 28.14 -16.33
C PRO D 43 23.89 27.66 -17.76
N LEU D 44 23.11 28.24 -18.68
CA LEU D 44 23.27 27.86 -20.08
C LEU D 44 24.60 28.35 -20.65
N GLY D 45 25.07 29.49 -20.17
CA GLY D 45 26.35 30.04 -20.62
C GLY D 45 26.24 30.69 -21.98
N ARG D 46 27.36 31.29 -22.39
CA ARG D 46 27.45 31.85 -23.72
C ARG D 46 27.41 30.74 -24.76
N GLY D 47 26.86 31.06 -25.93
CA GLY D 47 26.61 30.08 -26.96
C GLY D 47 25.18 29.61 -27.05
N MET D 48 24.31 30.08 -26.15
CA MET D 48 22.89 29.79 -26.19
C MET D 48 22.17 31.13 -26.08
N GLN D 49 21.95 31.77 -27.23
CA GLN D 49 21.28 33.07 -27.26
C GLN D 49 19.76 32.95 -27.25
N SER D 50 19.22 31.76 -27.48
CA SER D 50 17.78 31.54 -27.43
C SER D 50 17.52 30.14 -26.91
N VAL D 51 16.31 29.95 -26.38
CA VAL D 51 15.92 28.68 -25.78
C VAL D 51 14.56 28.26 -26.35
N PHE D 52 14.30 26.97 -26.29
CA PHE D 52 13.09 26.38 -26.83
C PHE D 52 12.16 25.97 -25.69
N ASN D 53 10.91 26.40 -25.77
CA ASN D 53 9.89 26.07 -24.78
C ASN D 53 8.82 25.21 -25.45
N ASP D 54 8.58 24.03 -24.89
CA ASP D 54 7.55 23.12 -25.38
C ASP D 54 6.28 23.36 -24.58
N ILE D 55 5.33 24.06 -25.18
CA ILE D 55 4.09 24.41 -24.49
C ILE D 55 3.13 23.23 -24.56
N PHE D 56 2.64 22.80 -23.41
CA PHE D 56 1.68 21.71 -23.32
C PHE D 56 0.32 22.26 -22.95
N MET D 57 -0.70 21.91 -23.73
CA MET D 57 -2.06 22.35 -23.45
C MET D 57 -3.00 21.16 -23.36
N SER D 110 0.71 16.01 -26.70
CA SER D 110 0.47 17.15 -27.57
C SER D 110 1.20 18.39 -27.07
N SER D 111 2.24 18.79 -27.80
CA SER D 111 3.05 19.95 -27.44
C SER D 111 3.34 20.77 -28.68
N ARG D 112 3.55 22.06 -28.48
CA ARG D 112 3.96 22.97 -29.53
C ARG D 112 5.21 23.72 -29.11
N ARG D 113 6.05 24.07 -30.07
CA ARG D 113 7.37 24.61 -29.82
C ARG D 113 7.43 26.09 -30.21
N VAL D 114 8.06 26.89 -29.35
CA VAL D 114 8.28 28.30 -29.60
C VAL D 114 9.72 28.64 -29.28
N ASN D 115 10.34 29.45 -30.12
CA ASN D 115 11.72 29.88 -29.93
C ASN D 115 11.71 31.18 -29.13
N TYR D 116 12.22 31.12 -27.90
CA TYR D 116 12.26 32.28 -27.01
C TYR D 116 13.65 32.88 -27.02
N THR D 117 13.75 34.14 -27.43
CA THR D 117 15.02 34.85 -27.37
C THR D 117 15.31 35.23 -25.93
N ILE D 118 16.53 34.98 -25.47
CA ILE D 118 16.91 35.32 -24.11
C ILE D 118 17.27 36.80 -24.06
N PRO D 119 16.50 37.61 -23.34
CA PRO D 119 16.79 39.05 -23.28
C PRO D 119 17.81 39.38 -22.21
N MET D 120 18.38 40.57 -22.33
CA MET D 120 19.37 41.08 -21.39
C MET D 120 18.72 42.16 -20.52
N LEU D 121 18.81 41.99 -19.21
CA LEU D 121 18.37 42.98 -18.25
C LEU D 121 19.61 43.54 -17.55
N TYR D 122 19.76 44.86 -17.58
CA TYR D 122 20.96 45.48 -17.05
C TYR D 122 20.63 46.82 -16.43
N LYS D 123 21.47 47.24 -15.48
CA LYS D 123 21.42 48.56 -14.90
C LYS D 123 22.85 49.05 -14.74
N ASP D 124 23.04 50.35 -14.91
CA ASP D 124 24.36 50.96 -14.92
C ASP D 124 24.57 51.79 -13.66
N PHE D 125 25.72 51.61 -13.02
CA PHE D 125 26.11 52.42 -11.88
C PHE D 125 27.55 52.86 -12.05
N VAL D 126 27.90 53.98 -11.41
CA VAL D 126 29.19 54.63 -11.59
C VAL D 126 29.90 54.71 -10.24
N LEU D 127 31.17 54.30 -10.24
CA LEU D 127 32.05 54.49 -9.09
C LEU D 127 32.95 55.68 -9.39
N TYR D 128 32.69 56.80 -8.71
CA TYR D 128 33.45 58.02 -8.98
C TYR D 128 34.89 57.86 -8.54
N TRP D 129 35.81 58.41 -9.35
CA TRP D 129 37.23 58.29 -9.04
C TRP D 129 37.60 59.07 -7.78
N ARG D 130 36.91 60.17 -7.51
CA ARG D 130 37.18 60.93 -6.29
C ARG D 130 36.91 60.08 -5.05
N ASP D 131 35.79 59.36 -5.06
CA ASP D 131 35.50 58.47 -3.94
C ASP D 131 36.45 57.29 -3.90
N LEU D 132 36.81 56.75 -5.07
CA LEU D 132 37.72 55.61 -5.12
C LEU D 132 39.10 55.99 -4.59
N GLU D 133 39.61 57.16 -5.00
CA GLU D 133 40.93 57.58 -4.54
C GLU D 133 40.95 57.85 -3.04
N GLN D 134 39.88 58.45 -2.52
CA GLN D 134 39.81 58.74 -1.09
C GLN D 134 39.82 57.45 -0.27
N SER D 135 39.07 56.44 -0.72
CA SER D 135 39.05 55.16 0.00
C SER D 135 40.44 54.51 -0.03
N LYS D 136 41.12 54.57 -1.17
CA LYS D 136 42.47 54.03 -1.25
C LYS D 136 43.43 54.81 -0.36
N ALA D 137 43.27 56.14 -0.31
CA ALA D 137 44.16 56.97 0.50
C ALA D 137 43.95 56.73 1.99
N LEU D 138 42.70 56.63 2.44
CA LEU D 138 42.38 56.46 3.84
C LEU D 138 42.21 54.99 4.24
N ASP D 139 42.39 54.06 3.29
CA ASP D 139 42.29 52.62 3.56
C ASP D 139 40.94 52.24 4.16
N ILE D 140 39.89 52.97 3.79
CA ILE D 140 38.54 52.66 4.25
C ILE D 140 37.85 51.84 3.17
N PRO D 141 36.90 50.97 3.53
CA PRO D 141 36.25 50.14 2.51
C PRO D 141 35.43 50.97 1.54
N ILE D 142 35.35 50.48 0.31
CA ILE D 142 34.58 51.16 -0.73
C ILE D 142 33.10 50.94 -0.50
N ASP D 143 32.32 52.00 -0.66
CA ASP D 143 30.87 51.93 -0.50
C ASP D 143 30.25 51.54 -1.84
N PHE D 144 29.70 50.34 -1.91
CA PHE D 144 29.05 49.82 -3.11
C PHE D 144 27.54 49.94 -3.03
N SER D 145 27.04 51.00 -2.40
CA SER D 145 25.60 51.18 -2.28
C SER D 145 24.95 51.37 -3.65
N VAL D 146 25.68 51.97 -4.59
CA VAL D 146 25.16 52.10 -5.96
C VAL D 146 25.07 50.73 -6.61
N ALA D 147 26.03 49.84 -6.32
CA ALA D 147 25.97 48.48 -6.86
C ALA D 147 24.75 47.74 -6.32
N ALA D 148 24.45 47.90 -5.03
CA ALA D 148 23.27 47.26 -4.46
C ALA D 148 22.00 47.78 -5.09
N ASN D 149 21.93 49.09 -5.35
CA ASN D 149 20.76 49.65 -6.00
C ASN D 149 20.63 49.16 -7.44
N ALA D 150 21.76 48.99 -8.13
CA ALA D 150 21.72 48.48 -9.50
C ALA D 150 21.20 47.05 -9.53
N ALA D 151 21.69 46.19 -8.63
CA ALA D 151 21.20 44.82 -8.56
C ALA D 151 19.73 44.79 -8.16
N ARG D 152 19.32 45.70 -7.27
CA ARG D 152 17.92 45.78 -6.86
C ARG D 152 17.04 46.17 -8.04
N ASP D 153 17.51 47.09 -8.89
CA ASP D 153 16.71 47.51 -10.04
C ASP D 153 16.60 46.42 -11.09
N VAL D 154 17.69 45.68 -11.33
CA VAL D 154 17.63 44.57 -12.27
C VAL D 154 16.71 43.47 -11.74
N ALA D 155 16.79 43.20 -10.44
CA ALA D 155 15.91 42.19 -9.84
C ALA D 155 14.45 42.59 -9.98
N PHE D 156 14.15 43.87 -9.82
CA PHE D 156 12.80 44.36 -10.07
C PHE D 156 12.41 44.16 -11.54
N LEU D 157 13.35 44.40 -12.45
CA LEU D 157 13.08 44.19 -13.86
C LEU D 157 12.81 42.73 -14.17
N GLU D 158 13.57 41.82 -13.56
CA GLU D 158 13.34 40.39 -13.78
C GLU D 158 11.96 39.97 -13.30
N ASP D 159 11.54 40.49 -12.15
CA ASP D 159 10.22 40.14 -11.62
C ASP D 159 9.11 40.63 -12.54
N GLN D 160 9.27 41.82 -13.10
CA GLN D 160 8.30 42.31 -14.07
C GLN D 160 8.27 41.43 -15.31
N MET D 161 9.43 40.97 -15.76
CA MET D 161 9.49 40.07 -16.91
C MET D 161 8.86 38.73 -16.59
N ILE D 162 9.02 38.25 -15.35
CA ILE D 162 8.48 36.95 -14.98
C ILE D 162 6.96 37.00 -14.93
N PHE D 163 6.41 38.06 -14.32
CA PHE D 163 4.97 38.12 -14.08
C PHE D 163 4.20 38.70 -15.26
N HIS D 164 4.58 39.90 -15.71
CA HIS D 164 3.86 40.58 -16.78
C HIS D 164 4.46 40.30 -18.16
N GLY D 165 5.54 39.53 -18.25
CA GLY D 165 6.08 39.13 -19.52
C GLY D 165 6.88 40.24 -20.19
N SER D 166 7.59 39.84 -21.25
CA SER D 166 8.38 40.76 -22.06
C SER D 166 7.59 41.06 -23.34
N LYS D 167 6.91 42.20 -23.35
CA LYS D 167 6.04 42.54 -24.48
C LYS D 167 6.84 42.72 -25.76
N GLU D 168 8.00 43.40 -25.67
CA GLU D 168 8.78 43.69 -26.86
C GLU D 168 9.51 42.46 -27.40
N PHE D 169 9.63 41.39 -26.62
CA PHE D 169 10.28 40.16 -27.06
C PHE D 169 9.28 39.03 -27.28
N ASP D 170 7.98 39.31 -27.15
CA ASP D 170 6.93 38.30 -27.33
C ASP D 170 7.14 37.11 -26.38
N ILE D 171 7.49 37.40 -25.14
CA ILE D 171 7.66 36.39 -24.10
C ILE D 171 6.56 36.62 -23.06
N PRO D 172 5.65 35.67 -22.85
CA PRO D 172 4.57 35.87 -21.88
C PRO D 172 5.04 35.71 -20.45
N GLY D 173 4.23 36.23 -19.53
CA GLY D 173 4.48 36.11 -18.11
C GLY D 173 3.38 35.31 -17.43
N LEU D 174 3.55 35.15 -16.11
CA LEU D 174 2.59 34.38 -15.33
C LEU D 174 1.21 35.01 -15.35
N MET D 175 1.13 36.34 -15.44
CA MET D 175 -0.14 37.04 -15.36
C MET D 175 -0.86 37.16 -16.68
N ASN D 176 -0.22 36.80 -17.80
CA ASN D 176 -0.86 36.98 -19.10
C ASN D 176 -0.61 35.82 -20.06
N VAL D 177 -0.08 34.69 -19.58
CA VAL D 177 0.17 33.56 -20.46
C VAL D 177 -1.15 32.99 -20.95
N LYS D 178 -1.23 32.70 -22.24
CA LYS D 178 -2.45 32.16 -22.82
C LYS D 178 -2.69 30.74 -22.34
N GLY D 179 -3.94 30.44 -22.00
CA GLY D 179 -4.32 29.14 -21.50
C GLY D 179 -4.30 28.98 -20.00
N ARG D 180 -3.87 30.00 -19.26
CA ARG D 180 -3.86 29.91 -17.81
C ARG D 180 -5.27 29.94 -17.26
N LEU D 181 -5.46 29.28 -16.12
CA LEU D 181 -6.75 29.31 -15.44
C LEU D 181 -6.98 30.67 -14.79
N THR D 182 -8.24 31.07 -14.72
CA THR D 182 -8.62 32.36 -14.17
C THR D 182 -9.64 32.16 -13.05
N HIS D 183 -9.40 32.79 -11.91
CA HIS D 183 -10.32 32.77 -10.79
C HIS D 183 -10.60 34.20 -10.35
N LEU D 184 -11.85 34.47 -10.03
CA LEU D 184 -12.27 35.80 -9.58
C LEU D 184 -12.43 35.78 -8.05
N ILE D 185 -11.73 36.68 -7.38
CA ILE D 185 -11.77 36.77 -5.92
C ILE D 185 -12.89 37.71 -5.51
N GLY D 186 -13.58 37.36 -4.42
CA GLY D 186 -14.63 38.19 -3.87
C GLY D 186 -14.05 39.34 -3.06
N ASN D 187 -14.76 39.66 -1.97
CA ASN D 187 -14.30 40.70 -1.04
C ASN D 187 -13.42 40.05 0.00
N TRP D 188 -12.09 40.23 -0.14
CA TRP D 188 -11.16 39.65 0.81
C TRP D 188 -11.10 40.42 2.13
N TYR D 189 -11.72 41.60 2.19
CA TYR D 189 -11.78 42.33 3.46
C TYR D 189 -12.58 41.59 4.52
N GLU D 190 -13.57 40.80 4.11
CA GLU D 190 -14.32 39.96 5.03
C GLU D 190 -13.52 38.72 5.36
N SER D 191 -13.51 38.35 6.64
CA SER D 191 -12.74 37.19 7.07
C SER D 191 -13.32 35.90 6.50
N GLY D 192 -12.44 35.02 6.06
CA GLY D 192 -12.82 33.72 5.54
C GLY D 192 -13.01 33.66 4.04
N ASN D 193 -13.29 34.80 3.39
CA ASN D 193 -13.43 34.80 1.94
C ASN D 193 -12.11 34.48 1.26
N ALA D 194 -11.00 35.01 1.80
CA ALA D 194 -9.70 34.78 1.20
C ALA D 194 -9.33 33.30 1.20
N PHE D 195 -9.59 32.61 2.30
CA PHE D 195 -9.29 31.18 2.37
C PHE D 195 -10.14 30.40 1.38
N GLN D 196 -11.41 30.76 1.25
CA GLN D 196 -12.30 30.05 0.33
C GLN D 196 -11.86 30.24 -1.12
N ASP D 197 -11.41 31.45 -1.46
CA ASP D 197 -10.96 31.71 -2.82
C ASP D 197 -9.74 30.85 -3.17
N ILE D 198 -8.80 30.71 -2.23
CA ILE D 198 -7.65 29.85 -2.46
C ILE D 198 -8.09 28.40 -2.60
N VAL D 199 -9.07 27.97 -1.80
CA VAL D 199 -9.59 26.61 -1.91
C VAL D 199 -10.22 26.38 -3.27
N GLU D 200 -11.02 27.34 -3.74
CA GLU D 200 -11.64 27.19 -5.05
C GLU D 200 -10.61 27.17 -6.17
N ALA D 201 -9.62 28.07 -6.10
CA ALA D 201 -8.59 28.10 -7.12
C ALA D 201 -7.70 26.87 -7.06
N ARG D 202 -7.43 26.37 -5.85
CA ARG D 202 -6.64 25.15 -5.72
C ARG D 202 -7.36 23.97 -6.35
N ASN D 203 -8.69 23.90 -6.18
CA ASN D 203 -9.45 22.83 -6.82
C ASN D 203 -9.48 23.00 -8.33
N LYS D 204 -9.41 24.24 -8.81
CA LYS D 204 -9.35 24.46 -10.26
C LYS D 204 -8.09 23.85 -10.86
N LEU D 205 -6.96 23.98 -10.16
CA LEU D 205 -5.73 23.37 -10.65
C LEU D 205 -5.80 21.85 -10.57
N LEU D 206 -6.54 21.32 -9.58
CA LEU D 206 -6.69 19.87 -9.48
C LEU D 206 -7.50 19.32 -10.64
N GLU D 207 -8.50 20.08 -11.11
CA GLU D 207 -9.30 19.64 -12.24
C GLU D 207 -8.46 19.49 -13.51
N MET D 208 -7.38 20.27 -13.62
CA MET D 208 -6.51 20.22 -14.78
C MET D 208 -5.29 19.32 -14.56
N ASN D 209 -5.37 18.42 -13.58
CA ASN D 209 -4.29 17.48 -13.26
C ASN D 209 -3.05 18.30 -12.87
N HIS D 210 -3.15 18.97 -11.72
CA HIS D 210 -2.03 19.67 -11.10
C HIS D 210 -2.21 19.52 -9.59
N ASN D 211 -1.53 18.54 -9.01
CA ASN D 211 -1.75 18.16 -7.62
C ASN D 211 -0.88 18.93 -6.64
N GLY D 212 0.01 19.81 -7.11
CA GLY D 212 0.86 20.55 -6.23
C GLY D 212 2.27 20.02 -6.18
N PRO D 213 3.11 20.58 -5.29
CA PRO D 213 2.81 21.65 -4.32
C PRO D 213 2.69 23.01 -4.97
N TYR D 214 1.76 23.84 -4.50
CA TYR D 214 1.47 25.13 -5.12
C TYR D 214 2.21 26.25 -4.41
N ALA D 215 2.47 27.32 -5.15
CA ALA D 215 3.05 28.54 -4.61
C ALA D 215 2.15 29.70 -4.98
N LEU D 216 1.82 30.53 -4.00
CA LEU D 216 0.90 31.64 -4.18
C LEU D 216 1.64 32.96 -4.03
N VAL D 217 1.49 33.82 -5.02
CA VAL D 217 2.10 35.15 -5.02
C VAL D 217 0.99 36.18 -5.12
N LEU D 218 0.99 37.15 -4.22
CA LEU D 218 -0.08 38.13 -4.14
C LEU D 218 0.50 39.54 -4.16
N SER D 219 -0.33 40.49 -4.57
CA SER D 219 0.04 41.88 -4.54
C SER D 219 0.18 42.35 -3.08
N PRO D 220 0.99 43.37 -2.83
CA PRO D 220 1.16 43.83 -1.44
C PRO D 220 -0.14 44.26 -0.79
N GLU D 221 -1.05 44.86 -1.56
CA GLU D 221 -2.36 45.20 -1.01
C GLU D 221 -3.14 43.96 -0.62
N LEU D 222 -3.11 42.93 -1.46
CA LEU D 222 -3.78 41.67 -1.13
C LEU D 222 -2.99 40.87 -0.12
N TYR D 223 -1.66 40.98 -0.14
CA TYR D 223 -0.84 40.29 0.86
C TYR D 223 -1.11 40.82 2.26
N SER D 224 -1.28 42.14 2.39
CA SER D 224 -1.66 42.71 3.67
C SER D 224 -3.17 42.59 3.87
N LEU D 225 -3.71 41.41 3.61
CA LEU D 225 -5.07 41.05 3.96
C LEU D 225 -5.18 39.67 4.56
N LEU D 226 -4.22 38.77 4.31
CA LEU D 226 -4.15 37.49 5.00
C LEU D 226 -3.55 37.63 6.39
N HIS D 227 -3.03 38.80 6.74
CA HIS D 227 -2.55 39.08 8.08
C HIS D 227 -3.68 39.59 8.97
N ARG D 228 -4.78 38.84 8.97
CA ARG D 228 -5.93 39.13 9.81
C ARG D 228 -6.37 37.85 10.49
N VAL D 229 -6.91 38.00 11.70
CA VAL D 229 -7.37 36.84 12.45
C VAL D 229 -8.59 36.24 11.77
N HIS D 230 -8.50 34.96 11.41
CA HIS D 230 -9.63 34.25 10.86
C HIS D 230 -10.69 34.06 11.94
N LYS D 231 -11.82 34.75 11.80
CA LYS D 231 -12.82 34.77 12.86
C LYS D 231 -13.36 33.38 13.15
N ASP D 232 -13.32 32.48 12.17
CA ASP D 232 -13.83 31.13 12.39
C ASP D 232 -12.84 30.29 13.20
N THR D 233 -11.55 30.52 13.04
CA THR D 233 -10.54 29.67 13.64
C THR D 233 -9.64 30.40 14.64
N ASN D 234 -9.82 31.70 14.81
CA ASN D 234 -9.04 32.49 15.77
C ASN D 234 -7.54 32.36 15.51
N VAL D 235 -7.16 32.33 14.22
CA VAL D 235 -5.77 32.29 13.81
C VAL D 235 -5.60 33.22 12.61
N LEU D 236 -4.35 33.61 12.35
CA LEU D 236 -4.07 34.47 11.21
C LEU D 236 -4.40 33.75 9.91
N GLU D 237 -5.03 34.47 8.99
CA GLU D 237 -5.44 33.87 7.73
C GLU D 237 -4.24 33.44 6.89
N ILE D 238 -3.08 34.08 7.10
CA ILE D 238 -1.89 33.67 6.38
C ILE D 238 -1.45 32.27 6.80
N GLU D 239 -1.71 31.89 8.05
CA GLU D 239 -1.29 30.58 8.52
C GLU D 239 -2.09 29.47 7.86
N HIS D 240 -3.40 29.68 7.71
CA HIS D 240 -4.23 28.67 7.05
C HIS D 240 -3.84 28.51 5.59
N VAL D 241 -3.58 29.61 4.89
CA VAL D 241 -3.18 29.54 3.49
C VAL D 241 -1.83 28.84 3.36
N ARG D 242 -0.92 29.10 4.29
CA ARG D 242 0.41 28.48 4.23
C ARG D 242 0.32 26.97 4.36
N GLU D 243 -0.68 26.46 5.09
CA GLU D 243 -0.89 25.03 5.15
C GLU D 243 -1.34 24.47 3.81
N LEU D 244 -2.23 25.18 3.12
CA LEU D 244 -2.66 24.77 1.79
C LEU D 244 -1.57 25.00 0.76
N ILE D 245 -0.93 26.17 0.80
CA ILE D 245 0.12 26.52 -0.14
C ILE D 245 1.46 26.16 0.47
N THR D 246 1.91 24.92 0.26
CA THR D 246 3.07 24.40 0.97
C THR D 246 4.39 24.99 0.47
N ALA D 247 4.41 25.56 -0.73
CA ALA D 247 5.63 26.17 -1.26
C ALA D 247 5.81 27.61 -0.79
N GLY D 248 4.87 28.14 -0.03
CA GLY D 248 5.00 29.46 0.55
C GLY D 248 4.10 30.48 -0.14
N VAL D 249 3.81 31.55 0.61
CA VAL D 249 3.03 32.68 0.11
C VAL D 249 3.95 33.89 0.06
N PHE D 250 4.01 34.54 -1.10
CA PHE D 250 4.96 35.62 -1.32
C PHE D 250 4.23 36.88 -1.77
N GLN D 251 4.89 38.02 -1.54
CA GLN D 251 4.42 39.31 -2.02
C GLN D 251 5.33 39.78 -3.14
N SER D 252 4.79 40.68 -3.96
CA SER D 252 5.58 41.24 -5.05
C SER D 252 5.03 42.61 -5.45
N PRO D 253 5.84 43.67 -5.40
CA PRO D 253 5.34 44.99 -5.82
C PRO D 253 4.98 45.06 -7.28
N VAL D 254 5.45 44.12 -8.11
CA VAL D 254 5.13 44.14 -9.53
C VAL D 254 3.64 43.95 -9.76
N LEU D 255 2.96 43.26 -8.85
CA LEU D 255 1.52 43.09 -8.96
C LEU D 255 0.81 44.29 -8.37
N LYS D 256 -0.11 44.88 -9.14
CA LYS D 256 -0.79 46.09 -8.75
C LYS D 256 -2.26 45.81 -8.46
N GLY D 257 -2.81 46.54 -7.49
CA GLY D 257 -4.20 46.36 -7.13
C GLY D 257 -4.43 45.03 -6.43
N LYS D 258 -5.62 44.46 -6.67
CA LYS D 258 -6.00 43.18 -6.09
C LYS D 258 -5.77 42.10 -7.16
N SER D 259 -4.53 41.62 -7.23
CA SER D 259 -4.15 40.58 -8.18
C SER D 259 -3.27 39.56 -7.47
N GLY D 260 -3.29 38.34 -8.00
CA GLY D 260 -2.50 37.27 -7.44
C GLY D 260 -2.41 36.12 -8.44
N VAL D 261 -1.57 35.14 -8.10
CA VAL D 261 -1.34 34.01 -8.98
C VAL D 261 -0.93 32.80 -8.13
N ILE D 262 -1.46 31.64 -8.47
CA ILE D 262 -1.09 30.38 -7.84
C ILE D 262 -0.42 29.52 -8.89
N VAL D 263 0.79 29.08 -8.60
CA VAL D 263 1.60 28.32 -9.55
C VAL D 263 1.93 26.96 -8.95
N ASN D 264 1.59 25.90 -9.68
CA ASN D 264 1.98 24.55 -9.29
C ASN D 264 3.49 24.40 -9.51
N THR D 265 4.25 24.38 -8.42
CA THR D 265 5.70 24.38 -8.51
C THR D 265 6.21 23.10 -9.16
N GLY D 266 7.38 23.21 -9.78
CA GLY D 266 8.00 22.08 -10.43
C GLY D 266 8.67 22.46 -11.74
N ARG D 267 9.84 21.88 -12.01
CA ARG D 267 10.55 22.20 -13.23
C ARG D 267 9.84 21.69 -14.48
N ASN D 268 8.85 20.82 -14.32
CA ASN D 268 8.09 20.33 -15.46
C ASN D 268 6.91 21.23 -15.83
N ASN D 269 6.59 22.22 -14.99
CA ASN D 269 5.55 23.19 -15.31
C ASN D 269 6.11 24.53 -15.76
N LEU D 270 7.15 25.02 -15.09
CA LEU D 270 7.76 26.29 -15.46
C LEU D 270 9.13 26.38 -14.82
N ASP D 271 10.01 27.15 -15.45
CA ASP D 271 11.36 27.37 -14.94
C ASP D 271 11.91 28.64 -15.58
N LEU D 272 13.12 29.02 -15.16
CA LEU D 272 13.83 30.16 -15.71
C LEU D 272 15.09 29.66 -16.41
N ALA D 273 15.23 30.02 -17.68
CA ALA D 273 16.42 29.65 -18.45
C ALA D 273 17.48 30.73 -18.21
N ILE D 274 18.51 30.38 -17.44
CA ILE D 274 19.58 31.31 -17.09
C ILE D 274 20.69 31.14 -18.12
N SER D 275 20.82 32.12 -19.01
CA SER D 275 21.98 32.15 -19.90
C SER D 275 23.22 32.64 -19.15
N GLU D 276 23.02 33.56 -18.21
CA GLU D 276 24.09 34.06 -17.36
C GLU D 276 23.46 34.69 -16.14
N ASP D 277 23.92 34.28 -14.96
CA ASP D 277 23.32 34.76 -13.72
C ASP D 277 23.70 36.21 -13.49
N PHE D 278 23.32 36.75 -12.34
CA PHE D 278 23.62 38.15 -12.01
C PHE D 278 25.13 38.38 -12.03
N GLU D 279 25.59 39.17 -13.01
CA GLU D 279 27.00 39.41 -13.22
C GLU D 279 27.24 40.91 -13.39
N THR D 280 28.41 41.35 -12.97
CA THR D 280 28.82 42.75 -13.12
C THR D 280 29.95 42.84 -14.13
N ALA D 281 29.95 43.92 -14.91
CA ALA D 281 30.95 44.11 -15.96
C ALA D 281 31.42 45.56 -15.95
N TYR D 282 32.72 45.75 -16.15
CA TYR D 282 33.30 47.09 -16.22
C TYR D 282 33.10 47.63 -17.62
N LEU D 283 32.32 48.71 -17.74
CA LEU D 283 32.06 49.31 -19.04
C LEU D 283 33.24 50.10 -19.58
N GLY D 284 34.27 50.31 -18.80
CA GLY D 284 35.41 51.10 -19.22
C GLY D 284 35.34 52.52 -18.68
N GLU D 285 36.51 53.15 -18.57
CA GLU D 285 36.58 54.50 -18.02
C GLU D 285 35.85 55.48 -18.94
N GLU D 286 35.08 56.37 -18.32
CA GLU D 286 34.33 57.38 -19.07
C GLU D 286 34.30 58.66 -18.25
N GLY D 287 34.92 59.71 -18.77
CA GLY D 287 34.97 60.97 -18.04
C GLY D 287 35.66 60.87 -16.70
N MET D 288 36.76 60.12 -16.64
CA MET D 288 37.57 59.85 -15.46
C MET D 288 36.85 59.01 -14.42
N ASN D 289 35.58 58.67 -14.64
CA ASN D 289 34.82 57.83 -13.73
C ASN D 289 34.84 56.38 -14.22
N HIS D 290 34.26 55.49 -13.41
CA HIS D 290 34.30 54.06 -13.67
C HIS D 290 32.89 53.49 -13.61
N PRO D 291 32.14 53.55 -14.71
CA PRO D 291 30.81 52.93 -14.74
C PRO D 291 30.90 51.42 -14.86
N PHE D 292 29.99 50.73 -14.18
CA PHE D 292 29.86 49.29 -14.25
C PHE D 292 28.45 48.93 -14.67
N ARG D 293 28.31 47.76 -15.29
CA ARG D 293 27.01 47.24 -15.69
C ARG D 293 26.72 45.96 -14.94
N VAL D 294 25.59 45.93 -14.23
CA VAL D 294 25.09 44.72 -13.60
C VAL D 294 24.03 44.15 -14.53
N TYR D 295 24.35 43.05 -15.21
CA TYR D 295 23.51 42.51 -16.25
C TYR D 295 23.21 41.04 -15.99
N GLU D 296 22.10 40.58 -16.56
CA GLU D 296 21.70 39.19 -16.46
C GLU D 296 20.85 38.85 -17.70
N THR D 297 20.94 37.60 -18.12
CA THR D 297 20.25 37.12 -19.32
C THR D 297 19.35 35.96 -18.90
N VAL D 298 18.07 36.25 -18.71
CA VAL D 298 17.12 35.28 -18.18
C VAL D 298 15.82 35.35 -18.98
N VAL D 299 15.24 34.20 -19.26
CA VAL D 299 13.93 34.10 -19.87
C VAL D 299 13.11 33.09 -19.08
N LEU D 300 11.81 33.29 -19.03
CA LEU D 300 10.90 32.44 -18.28
C LEU D 300 10.16 31.53 -19.26
N ARG D 301 10.24 30.22 -19.01
CA ARG D 301 9.56 29.23 -19.83
C ARG D 301 8.35 28.71 -19.07
N ILE D 302 7.18 28.84 -19.66
CA ILE D 302 5.94 28.30 -19.10
C ILE D 302 5.56 27.09 -19.96
N LYS D 303 5.94 25.90 -19.51
CA LYS D 303 5.74 24.70 -20.30
C LYS D 303 4.28 24.24 -20.26
N ARG D 304 3.62 24.37 -19.12
CA ARG D 304 2.23 23.97 -18.95
C ARG D 304 1.44 25.17 -18.44
N PRO D 305 0.88 25.99 -19.32
CA PRO D 305 0.14 27.18 -18.86
C PRO D 305 -1.06 26.85 -17.99
N ALA D 306 -1.61 25.63 -18.08
CA ALA D 306 -2.74 25.26 -17.24
C ALA D 306 -2.37 25.12 -15.77
N ALA D 307 -1.08 25.13 -15.44
CA ALA D 307 -0.64 25.03 -14.06
C ALA D 307 -0.66 26.37 -13.33
N ILE D 308 -1.03 27.45 -14.02
CA ILE D 308 -1.03 28.79 -13.44
C ILE D 308 -2.47 29.26 -13.35
N CYS D 309 -2.93 29.53 -12.13
CA CYS D 309 -4.25 30.10 -11.89
C CYS D 309 -4.06 31.48 -11.28
N THR D 310 -4.60 32.50 -11.95
CA THR D 310 -4.42 33.87 -11.54
C THR D 310 -5.70 34.40 -10.90
N LEU D 311 -5.55 35.02 -9.73
CA LEU D 311 -6.67 35.63 -9.03
C LEU D 311 -6.84 37.05 -9.54
N ILE D 312 -8.01 37.34 -10.11
CA ILE D 312 -8.28 38.62 -10.75
C ILE D 312 -9.46 39.27 -10.04
N ASP D 313 -9.29 40.53 -9.66
CA ASP D 313 -10.37 41.30 -9.06
C ASP D 313 -11.38 41.63 -10.15
N PRO D 314 -12.65 41.23 -10.02
CA PRO D 314 -13.63 41.52 -11.07
C PRO D 314 -13.80 43.01 -11.35
N GLU D 315 -13.67 43.85 -10.33
CA GLU D 315 -13.81 45.29 -10.53
C GLU D 315 -12.65 45.84 -11.35
#